data_4A7P
#
_entry.id   4A7P
#
_cell.length_a   109.030
_cell.length_b   109.030
_cell.length_c   175.813
_cell.angle_alpha   90.00
_cell.angle_beta   90.00
_cell.angle_gamma   90.00
#
_symmetry.space_group_name_H-M   'P 43 21 2'
#
loop_
_entity.id
_entity.type
_entity.pdbx_description
1 polymer 'UDP-GLUCOSE DEHYDROGENASE'
2 non-polymer NICOTINAMIDE-ADENINE-DINUCLEOTIDE
#
_entity_poly.entity_id   1
_entity_poly.type   'polypeptide(L)'
_entity_poly.pdbx_seq_one_letter_code
;HHHHHHGSVRIA(MSE)IGTGYVGLVSGACFSDFGHEVVCVDKDARKIELLHQNV(MSE)PIYEPGLDALVASNVKAGRL
SFTTDLAEGVKDADAVFIAVGTPSRRGDGHADLSYVFAAAREIAENLTKPSVIVTKSTVPVGTGDEVERIIAEVAPNSGA
KVVSNPEFLREGAAIEDFKRPDRVVVGTEDEFARQV(MSE)REIYRPLSLNQSAPVLFTGRRTSELIKYAANAFLAVKIT
FINEIADLCEQVGADVQEVSRGIG(MSE)DNRIGGKFLHAGPGYGGSCFPKDTLAL(MSE)KTAADNETPLRIVEATVQV
NDARKRA(MSE)GRKVIKA(MSE)GGDVRGKTVGILGLTFKPNTDD(MSE)RDAPSLSIIAALQDAGATVKAYDPEGVEQ
ASK(MSE)LTDVEFVENPYAAADGADALVIVTEWDAFRALDLTRIKNSLKSPVLVDLRNIYPPAELERAGLQYTGVGKPS
RD
;
_entity_poly.pdbx_strand_id   A,B
#
# COMPACT_ATOMS: atom_id res chain seq x y z
N GLY A 7 42.66 -3.90 22.63
CA GLY A 7 41.36 -3.53 22.11
C GLY A 7 40.81 -4.69 21.28
N SER A 8 40.45 -4.41 20.03
CA SER A 8 40.15 -5.48 19.07
C SER A 8 39.10 -6.50 19.61
N VAL A 9 37.86 -6.08 19.77
CA VAL A 9 36.92 -6.81 20.66
C VAL A 9 35.84 -7.68 19.99
N ARG A 10 35.06 -8.38 20.80
CA ARG A 10 34.07 -9.35 20.32
C ARG A 10 32.73 -8.73 19.92
N ILE A 11 32.34 -8.96 18.66
CA ILE A 11 31.14 -8.32 18.10
C ILE A 11 30.20 -9.30 17.39
N ALA A 12 28.91 -9.21 17.73
CA ALA A 12 27.88 -10.01 17.07
C ALA A 12 26.93 -9.13 16.27
N ILE A 14 23.69 -9.32 14.53
CA ILE A 14 22.47 -10.05 14.25
C ILE A 14 21.83 -9.46 12.99
N GLY A 15 21.89 -10.21 11.90
CA GLY A 15 21.49 -9.72 10.60
C GLY A 15 22.68 -9.71 9.68
N THR A 16 22.50 -10.17 8.45
CA THR A 16 23.59 -10.18 7.49
C THR A 16 23.05 -9.88 6.10
N GLY A 17 22.27 -8.81 6.01
CA GLY A 17 21.76 -8.34 4.74
C GLY A 17 22.68 -7.27 4.18
N TYR A 18 22.12 -6.30 3.47
CA TYR A 18 22.90 -5.22 2.89
C TYR A 18 23.72 -4.44 3.91
N VAL A 19 23.23 -4.32 5.13
CA VAL A 19 23.93 -3.59 6.19
C VAL A 19 24.84 -4.50 7.00
N GLY A 20 24.23 -5.42 7.74
CA GLY A 20 24.94 -6.30 8.65
C GLY A 20 26.20 -6.94 8.08
N LEU A 21 26.21 -7.19 6.79
CA LEU A 21 27.39 -7.72 6.12
C LEU A 21 28.49 -6.65 6.12
N VAL A 22 28.23 -5.58 5.39
CA VAL A 22 29.17 -4.48 5.22
C VAL A 22 29.62 -3.85 6.54
N SER A 23 28.72 -3.75 7.52
CA SER A 23 29.10 -3.19 8.82
C SER A 23 30.10 -4.12 9.50
N GLY A 24 29.65 -5.34 9.79
CA GLY A 24 30.46 -6.35 10.43
C GLY A 24 31.80 -6.62 9.76
N ALA A 25 31.83 -6.61 8.43
CA ALA A 25 33.08 -6.84 7.71
C ALA A 25 34.09 -5.74 7.98
N CYS A 26 33.63 -4.49 7.87
CA CYS A 26 34.46 -3.33 8.16
C CYS A 26 34.91 -3.29 9.62
N PHE A 27 34.08 -3.82 10.52
CA PHE A 27 34.46 -3.92 11.92
C PHE A 27 35.63 -4.86 12.10
N SER A 28 35.67 -5.92 11.28
CA SER A 28 36.77 -6.87 11.33
C SER A 28 38.06 -6.23 10.81
N ASP A 29 37.92 -5.28 9.89
CA ASP A 29 39.08 -4.56 9.37
C ASP A 29 39.62 -3.59 10.41
N PHE A 30 38.81 -3.31 11.43
CA PHE A 30 39.27 -2.50 12.56
C PHE A 30 39.99 -3.38 13.56
N GLY A 31 39.92 -4.69 13.32
CA GLY A 31 40.61 -5.66 14.16
C GLY A 31 39.70 -6.25 15.24
N HIS A 32 38.40 -5.99 15.13
CA HIS A 32 37.45 -6.52 16.11
C HIS A 32 37.07 -7.97 15.79
N GLU A 33 36.71 -8.71 16.83
CA GLU A 33 36.26 -10.09 16.65
C GLU A 33 34.79 -10.07 16.25
N VAL A 34 34.51 -10.51 15.03
CA VAL A 34 33.19 -10.30 14.42
C VAL A 34 32.46 -11.60 14.06
N VAL A 35 31.21 -11.70 14.49
CA VAL A 35 30.34 -12.79 14.08
C VAL A 35 29.05 -12.25 13.48
N CYS A 36 28.80 -12.61 12.22
CA CYS A 36 27.59 -12.18 11.53
C CYS A 36 26.57 -13.31 11.54
N VAL A 37 25.34 -12.99 11.93
CA VAL A 37 24.29 -14.01 12.03
C VAL A 37 23.14 -13.72 11.08
N ASP A 38 22.59 -14.77 10.47
CA ASP A 38 21.37 -14.63 9.70
C ASP A 38 20.59 -15.95 9.75
N LYS A 39 19.28 -15.88 9.98
CA LYS A 39 18.47 -17.08 10.07
C LYS A 39 17.97 -17.57 8.72
N ASP A 40 18.26 -16.83 7.66
CA ASP A 40 18.18 -17.39 6.32
C ASP A 40 19.43 -18.28 6.27
N ALA A 41 19.34 -19.43 5.61
CA ALA A 41 20.49 -20.30 5.50
C ALA A 41 21.31 -19.91 4.27
N ARG A 42 20.60 -19.74 3.14
CA ARG A 42 21.22 -19.50 1.84
C ARG A 42 22.31 -18.44 1.81
N LYS A 43 22.15 -17.36 2.58
CA LYS A 43 23.18 -16.33 2.65
C LYS A 43 24.41 -16.91 3.32
N ILE A 44 24.19 -17.49 4.51
CA ILE A 44 25.25 -18.10 5.28
C ILE A 44 25.86 -19.30 4.55
N GLU A 45 25.04 -19.98 3.76
CA GLU A 45 25.52 -21.10 2.96
C GLU A 45 25.97 -20.61 1.59
N LEU A 46 26.22 -19.31 1.50
CA LEU A 46 26.83 -18.70 0.32
C LEU A 46 28.13 -18.03 0.75
N LEU A 47 28.10 -17.42 1.93
CA LEU A 47 29.27 -16.78 2.51
C LEU A 47 30.32 -17.82 2.91
N HIS A 48 29.85 -18.99 3.34
CA HIS A 48 30.76 -20.07 3.70
C HIS A 48 31.39 -20.69 2.45
N GLN A 49 30.76 -20.46 1.31
CA GLN A 49 31.27 -20.89 0.01
C GLN A 49 32.11 -19.75 -0.56
N ASN A 50 32.20 -18.67 0.21
CA ASN A 50 32.83 -17.43 -0.22
C ASN A 50 32.22 -16.87 -1.49
N VAL A 51 30.90 -16.87 -1.56
CA VAL A 51 30.17 -16.14 -2.59
C VAL A 51 29.26 -15.13 -1.90
N PRO A 53 26.24 -12.69 -1.54
CA PRO A 53 24.90 -12.77 -2.15
C PRO A 53 24.64 -11.58 -3.05
N ILE A 54 25.02 -10.39 -2.57
CA ILE A 54 24.64 -9.15 -3.24
C ILE A 54 25.85 -8.41 -3.80
N TYR A 55 25.55 -7.40 -4.63
CA TYR A 55 26.60 -6.58 -5.21
C TYR A 55 26.91 -5.37 -4.33
N GLU A 56 28.10 -5.37 -3.75
CA GLU A 56 28.71 -4.15 -3.24
C GLU A 56 30.17 -4.21 -3.61
N PRO A 57 30.66 -3.15 -4.26
CA PRO A 57 32.07 -3.01 -4.61
C PRO A 57 32.95 -3.14 -3.36
N GLY A 58 34.07 -3.86 -3.49
CA GLY A 58 35.05 -3.96 -2.43
C GLY A 58 34.77 -5.05 -1.42
N LEU A 59 33.51 -5.48 -1.37
CA LEU A 59 33.06 -6.47 -0.40
C LEU A 59 33.62 -7.86 -0.72
N ASP A 60 33.86 -8.09 -2.01
CA ASP A 60 34.39 -9.36 -2.51
C ASP A 60 35.69 -9.73 -1.79
N ALA A 61 36.60 -8.77 -1.71
CA ALA A 61 37.86 -8.97 -1.01
C ALA A 61 37.68 -8.83 0.49
N LEU A 62 37.07 -7.72 0.90
CA LEU A 62 36.94 -7.34 2.31
C LEU A 62 36.51 -8.48 3.25
N VAL A 63 35.54 -9.29 2.84
CA VAL A 63 35.16 -10.46 3.63
C VAL A 63 36.22 -11.53 3.47
N ALA A 64 36.39 -11.99 2.24
CA ALA A 64 37.34 -13.03 1.89
C ALA A 64 38.73 -12.78 2.45
N SER A 65 39.07 -11.52 2.65
CA SER A 65 40.31 -11.19 3.34
C SER A 65 40.15 -11.61 4.78
N ASN A 66 39.34 -10.85 5.50
CA ASN A 66 39.14 -11.00 6.94
C ASN A 66 38.61 -12.38 7.35
N VAL A 67 38.16 -13.17 6.38
CA VAL A 67 37.94 -14.59 6.63
C VAL A 67 39.29 -15.19 7.01
N LYS A 68 40.27 -15.01 6.13
CA LYS A 68 41.58 -15.66 6.28
C LYS A 68 42.36 -15.19 7.50
N ALA A 69 42.30 -13.89 7.79
CA ALA A 69 43.02 -13.38 8.96
C ALA A 69 42.31 -13.80 10.25
N GLY A 70 41.11 -14.36 10.11
CA GLY A 70 40.38 -14.94 11.22
C GLY A 70 39.86 -13.96 12.27
N ARG A 71 39.04 -13.01 11.84
CA ARG A 71 38.35 -12.12 12.76
C ARG A 71 36.87 -12.10 12.41
N LEU A 72 36.54 -12.81 11.33
CA LEU A 72 35.21 -12.75 10.74
C LEU A 72 34.59 -14.14 10.60
N SER A 73 33.41 -14.32 11.18
CA SER A 73 32.76 -15.63 11.22
C SER A 73 31.28 -15.56 10.86
N PHE A 74 30.75 -16.69 10.38
CA PHE A 74 29.35 -16.76 9.95
C PHE A 74 28.63 -17.94 10.59
N THR A 75 27.34 -17.75 10.86
CA THR A 75 26.52 -18.79 11.48
C THR A 75 25.05 -18.52 11.18
N THR A 76 24.19 -19.39 11.71
CA THR A 76 22.75 -19.18 11.69
C THR A 76 22.27 -19.48 13.11
N ASP A 77 23.11 -20.18 13.86
CA ASP A 77 22.95 -20.27 15.30
C ASP A 77 23.14 -18.87 15.86
N LEU A 78 22.17 -18.37 16.60
CA LEU A 78 22.29 -17.06 17.19
C LEU A 78 23.32 -17.12 18.30
N ALA A 79 23.01 -17.95 19.30
CA ALA A 79 23.76 -18.07 20.55
C ALA A 79 25.28 -18.25 20.42
N GLU A 80 25.74 -18.85 19.33
CA GLU A 80 27.18 -19.00 19.12
C GLU A 80 27.83 -17.64 19.03
N GLY A 81 27.11 -16.71 18.39
CA GLY A 81 27.59 -15.34 18.27
C GLY A 81 27.46 -14.58 19.57
N VAL A 82 26.32 -14.73 20.24
CA VAL A 82 26.06 -14.02 21.49
C VAL A 82 26.84 -14.59 22.66
N LYS A 83 27.59 -15.67 22.41
CA LYS A 83 28.49 -16.24 23.42
C LYS A 83 29.56 -15.21 23.78
N ASP A 84 29.40 -14.56 24.94
CA ASP A 84 30.40 -13.62 25.46
C ASP A 84 30.74 -12.44 24.54
N ALA A 85 29.81 -12.03 23.70
CA ALA A 85 30.05 -10.88 22.82
C ALA A 85 30.10 -9.58 23.62
N ASP A 86 31.08 -8.74 23.33
CA ASP A 86 31.21 -7.45 24.01
C ASP A 86 30.02 -6.55 23.69
N ALA A 87 29.66 -6.49 22.41
CA ALA A 87 28.52 -5.69 21.97
C ALA A 87 27.75 -6.42 20.86
N VAL A 88 26.43 -6.33 20.90
CA VAL A 88 25.59 -7.05 19.96
C VAL A 88 24.79 -6.10 19.06
N PHE A 89 25.03 -6.18 17.75
CA PHE A 89 24.37 -5.30 16.80
C PHE A 89 23.13 -5.94 16.15
N ILE A 90 22.08 -5.14 16.00
CA ILE A 90 20.86 -5.60 15.34
C ILE A 90 20.70 -4.93 13.99
N ALA A 91 20.89 -5.70 12.92
CA ALA A 91 20.86 -5.17 11.56
C ALA A 91 19.73 -5.79 10.73
N VAL A 92 18.72 -6.31 11.41
CA VAL A 92 17.61 -6.97 10.74
C VAL A 92 16.74 -5.98 9.97
N GLY A 93 15.83 -6.49 9.15
CA GLY A 93 14.97 -5.65 8.36
C GLY A 93 13.90 -4.93 9.16
N THR A 94 13.58 -3.72 8.72
CA THR A 94 12.41 -3.02 9.22
C THR A 94 11.59 -2.54 8.03
N PRO A 95 10.95 -3.48 7.32
CA PRO A 95 10.19 -3.11 6.14
C PRO A 95 8.88 -2.45 6.53
N SER A 96 8.17 -1.92 5.54
CA SER A 96 6.87 -1.32 5.78
C SER A 96 5.88 -2.42 6.15
N ARG A 97 5.06 -2.17 7.16
CA ARG A 97 4.02 -3.12 7.53
C ARG A 97 3.02 -3.11 6.40
N ARG A 98 2.75 -4.26 5.81
CA ARG A 98 1.71 -4.37 4.80
C ARG A 98 0.40 -3.97 5.48
N GLY A 99 -0.40 -3.13 4.81
CA GLY A 99 -1.54 -2.51 5.44
C GLY A 99 -1.32 -1.02 5.60
N ASP A 100 -1.08 -0.59 6.84
CA ASP A 100 -0.90 0.84 7.15
C ASP A 100 0.29 1.52 6.46
N GLY A 101 1.48 1.00 6.67
CA GLY A 101 2.70 1.62 6.17
C GLY A 101 3.74 1.77 7.27
N HIS A 102 3.32 1.51 8.50
CA HIS A 102 4.19 1.64 9.66
C HIS A 102 5.35 0.64 9.63
N ALA A 103 6.27 0.77 10.60
CA ALA A 103 7.49 -0.04 10.63
C ALA A 103 7.29 -1.41 11.27
N ASP A 104 7.49 -2.45 10.47
CA ASP A 104 7.39 -3.83 10.95
C ASP A 104 8.51 -4.16 11.92
N LEU A 105 8.31 -3.85 13.20
CA LEU A 105 9.34 -4.03 14.21
C LEU A 105 9.35 -5.44 14.82
N SER A 106 8.61 -6.36 14.21
CA SER A 106 8.55 -7.73 14.68
C SER A 106 9.89 -8.46 14.59
N TYR A 107 10.57 -8.33 13.46
CA TYR A 107 11.87 -8.96 13.25
C TYR A 107 12.88 -8.51 14.31
N VAL A 108 12.86 -7.23 14.66
CA VAL A 108 13.68 -6.71 15.74
C VAL A 108 13.26 -7.35 17.05
N PHE A 109 11.99 -7.16 17.39
CA PHE A 109 11.41 -7.69 18.62
C PHE A 109 11.54 -9.20 18.75
N ALA A 110 11.61 -9.89 17.61
CA ALA A 110 11.92 -11.31 17.64
C ALA A 110 13.39 -11.45 18.07
N ALA A 111 14.27 -10.83 17.30
CA ALA A 111 15.72 -10.91 17.49
C ALA A 111 16.22 -10.40 18.84
N ALA A 112 15.72 -9.24 19.28
CA ALA A 112 16.13 -8.67 20.58
C ALA A 112 15.81 -9.62 21.72
N ARG A 113 14.70 -10.33 21.58
CA ARG A 113 14.27 -11.30 22.58
C ARG A 113 15.21 -12.51 22.57
N GLU A 114 15.40 -13.08 21.38
CA GLU A 114 16.26 -14.25 21.21
C GLU A 114 17.70 -13.97 21.63
N ILE A 115 18.10 -12.71 21.61
CA ILE A 115 19.37 -12.29 22.19
C ILE A 115 19.31 -12.42 23.69
N ALA A 116 18.33 -11.75 24.27
CA ALA A 116 18.21 -11.57 25.72
C ALA A 116 18.30 -12.85 26.54
N GLU A 117 17.89 -13.98 25.96
CA GLU A 117 17.97 -15.25 26.68
C GLU A 117 19.37 -15.85 26.58
N ASN A 118 19.90 -15.88 25.36
CA ASN A 118 21.20 -16.47 25.04
C ASN A 118 22.36 -15.52 25.40
N LEU A 119 22.39 -15.10 26.66
CA LEU A 119 23.16 -13.92 27.07
C LEU A 119 24.09 -14.16 28.26
N THR A 120 25.38 -14.34 27.98
CA THR A 120 26.35 -14.58 29.04
C THR A 120 26.67 -13.32 29.86
N LYS A 121 27.48 -12.44 29.26
CA LYS A 121 28.00 -11.27 29.96
C LYS A 121 27.09 -10.06 29.81
N PRO A 122 27.26 -9.05 30.68
CA PRO A 122 26.71 -7.72 30.43
C PRO A 122 27.23 -7.20 29.10
N SER A 123 26.54 -7.57 28.02
CA SER A 123 26.92 -7.13 26.69
C SER A 123 26.36 -5.74 26.45
N VAL A 124 26.52 -5.22 25.24
CA VAL A 124 25.96 -3.93 24.88
C VAL A 124 25.11 -4.05 23.62
N ILE A 125 23.83 -3.74 23.73
CA ILE A 125 22.88 -3.94 22.63
C ILE A 125 22.76 -2.72 21.74
N VAL A 126 23.08 -2.89 20.47
CA VAL A 126 23.06 -1.77 19.52
C VAL A 126 22.05 -1.95 18.40
N THR A 127 20.95 -1.21 18.46
CA THR A 127 20.03 -1.11 17.34
C THR A 127 20.72 -0.34 16.24
N LYS A 128 20.98 -1.01 15.11
CA LYS A 128 21.59 -0.34 13.97
C LYS A 128 20.54 -0.20 12.88
N SER A 129 19.49 -1.02 12.98
CA SER A 129 18.39 -0.98 12.04
C SER A 129 17.66 0.35 12.13
N THR A 130 17.28 0.88 10.97
CA THR A 130 16.53 2.13 10.91
C THR A 130 15.17 1.93 11.56
N VAL A 131 15.07 2.26 12.84
CA VAL A 131 13.84 2.04 13.59
C VAL A 131 13.20 3.36 14.01
N PRO A 132 11.87 3.33 14.25
CA PRO A 132 11.24 4.46 14.94
C PRO A 132 11.73 4.61 16.37
N VAL A 133 11.13 5.57 17.08
CA VAL A 133 11.76 6.20 18.23
C VAL A 133 11.17 5.78 19.59
N GLY A 134 12.03 5.36 20.52
CA GLY A 134 11.57 4.82 21.78
C GLY A 134 11.54 3.31 21.64
N THR A 135 12.04 2.84 20.50
CA THR A 135 12.19 1.41 20.26
C THR A 135 13.25 0.94 21.25
N GLY A 136 14.33 1.72 21.33
CA GLY A 136 15.41 1.45 22.28
C GLY A 136 14.93 1.48 23.72
N ASP A 137 13.83 2.19 23.97
CA ASP A 137 13.20 2.19 25.27
C ASP A 137 12.39 0.92 25.45
N GLU A 138 11.73 0.49 24.38
CA GLU A 138 10.91 -0.70 24.41
C GLU A 138 11.74 -1.97 24.53
N VAL A 139 12.91 -1.97 23.90
CA VAL A 139 13.85 -3.06 24.04
C VAL A 139 14.32 -3.11 25.49
N GLU A 140 14.60 -1.94 26.04
CA GLU A 140 15.09 -1.80 27.41
C GLU A 140 14.12 -2.44 28.42
N ARG A 141 12.85 -2.54 28.04
CA ARG A 141 11.87 -3.27 28.83
C ARG A 141 12.10 -4.76 28.65
N ILE A 142 12.15 -5.18 27.39
CA ILE A 142 12.31 -6.59 27.04
C ILE A 142 13.57 -7.22 27.65
N ILE A 143 14.67 -6.47 27.64
CA ILE A 143 15.89 -6.90 28.32
C ILE A 143 15.60 -7.14 29.79
N ALA A 144 15.00 -6.13 30.42
CA ALA A 144 14.63 -6.19 31.83
C ALA A 144 13.58 -7.26 32.08
N GLU A 145 12.72 -7.52 31.09
CA GLU A 145 11.73 -8.58 31.20
C GLU A 145 12.39 -9.95 31.22
N VAL A 146 13.34 -10.16 30.31
CA VAL A 146 13.98 -11.46 30.13
C VAL A 146 15.22 -11.67 31.00
N ALA A 147 16.21 -10.79 30.83
CA ALA A 147 17.47 -10.91 31.57
C ALA A 147 17.74 -9.68 32.43
N PRO A 148 17.01 -9.55 33.55
CA PRO A 148 16.97 -8.34 34.40
C PRO A 148 18.32 -7.99 35.02
N ASN A 149 18.92 -8.94 35.72
CA ASN A 149 20.19 -8.71 36.41
C ASN A 149 21.44 -8.94 35.54
N SER A 150 21.23 -9.10 34.22
CA SER A 150 22.34 -9.39 33.31
C SER A 150 23.25 -8.20 32.99
N GLY A 151 22.97 -7.05 33.61
CA GLY A 151 23.80 -5.86 33.48
C GLY A 151 23.94 -5.23 32.10
N ALA A 152 23.07 -5.61 31.17
CA ALA A 152 23.17 -5.12 29.79
C ALA A 152 22.61 -3.71 29.54
N LYS A 153 23.19 -3.02 28.57
CA LYS A 153 22.75 -1.68 28.19
C LYS A 153 22.30 -1.65 26.72
N VAL A 154 21.37 -0.73 26.41
CA VAL A 154 20.75 -0.68 25.08
C VAL A 154 21.01 0.63 24.37
N VAL A 155 21.60 0.55 23.17
CA VAL A 155 21.96 1.74 22.41
C VAL A 155 21.34 1.75 21.02
N SER A 156 21.28 2.93 20.43
CA SER A 156 21.01 3.08 19.01
C SER A 156 22.23 3.67 18.36
N ASN A 157 22.78 2.97 17.37
CA ASN A 157 23.73 3.56 16.46
C ASN A 157 23.28 3.28 15.05
N PRO A 158 22.55 4.23 14.44
CA PRO A 158 21.99 4.02 13.11
C PRO A 158 23.10 4.08 12.07
N GLU A 159 22.79 3.72 10.83
CA GLU A 159 23.78 3.67 9.76
C GLU A 159 23.36 4.48 8.53
N PHE A 160 24.32 5.08 7.85
CA PHE A 160 24.05 6.13 6.87
C PHE A 160 24.59 5.86 5.46
N LEU A 161 25.09 4.67 5.23
CA LEU A 161 25.76 4.35 3.97
C LEU A 161 24.81 4.33 2.77
N ARG A 162 25.32 4.79 1.63
CA ARG A 162 24.61 4.65 0.37
C ARG A 162 25.01 3.31 -0.23
N GLU A 163 24.05 2.55 -0.72
CA GLU A 163 24.37 1.32 -1.41
C GLU A 163 25.10 1.70 -2.71
N GLY A 164 26.24 1.06 -2.97
CA GLY A 164 27.06 1.40 -4.12
C GLY A 164 28.27 2.25 -3.73
N ALA A 165 28.39 2.52 -2.44
CA ALA A 165 29.52 3.27 -1.90
C ALA A 165 29.68 2.93 -0.41
N ALA A 166 29.04 1.83 0.01
CA ALA A 166 28.94 1.44 1.41
C ALA A 166 30.25 1.39 2.20
N ILE A 167 31.32 0.87 1.60
CA ILE A 167 32.58 0.74 2.31
C ILE A 167 33.17 2.12 2.60
N GLU A 168 33.29 2.91 1.54
CA GLU A 168 33.85 4.26 1.63
C GLU A 168 32.98 5.15 2.51
N ASP A 169 31.67 4.94 2.47
CA ASP A 169 30.76 5.66 3.34
C ASP A 169 31.02 5.29 4.80
N PHE A 170 31.23 3.99 5.02
CA PHE A 170 31.50 3.48 6.36
C PHE A 170 32.91 3.85 6.81
N LYS A 171 33.89 3.65 5.93
CA LYS A 171 35.28 3.96 6.23
C LYS A 171 35.51 5.45 6.45
N ARG A 172 34.94 6.28 5.58
CA ARG A 172 34.98 7.71 5.82
C ARG A 172 33.58 8.25 6.06
N PRO A 173 33.16 8.26 7.33
CA PRO A 173 31.85 8.86 7.63
C PRO A 173 31.92 10.39 7.70
N ASP A 174 30.85 11.06 7.27
CA ASP A 174 30.68 12.45 7.62
C ASP A 174 30.63 12.44 9.14
N ARG A 175 29.76 11.57 9.66
CA ARG A 175 29.62 11.39 11.10
C ARG A 175 29.06 10.03 11.46
N VAL A 176 29.15 9.69 12.75
CA VAL A 176 28.50 8.51 13.30
C VAL A 176 27.78 8.86 14.61
N VAL A 177 26.62 8.23 14.82
CA VAL A 177 25.70 8.64 15.87
C VAL A 177 25.52 7.57 16.95
N VAL A 178 25.58 7.98 18.22
CA VAL A 178 25.37 7.07 19.34
C VAL A 178 24.41 7.67 20.38
N GLY A 179 23.37 6.92 20.72
CA GLY A 179 22.35 7.40 21.64
C GLY A 179 22.19 6.59 22.91
N THR A 180 22.86 7.04 23.97
CA THR A 180 22.60 6.56 25.32
C THR A 180 23.01 7.63 26.33
N GLU A 181 22.81 7.36 27.62
CA GLU A 181 23.17 8.30 28.67
C GLU A 181 24.07 7.62 29.69
N ASP A 182 24.22 6.30 29.56
CA ASP A 182 25.09 5.55 30.46
C ASP A 182 26.53 5.52 29.95
N GLU A 183 27.40 6.23 30.67
CA GLU A 183 28.79 6.46 30.26
C GLU A 183 29.60 5.18 30.06
N PHE A 184 29.17 4.08 30.66
CA PHE A 184 29.84 2.80 30.45
C PHE A 184 29.75 2.42 28.98
N ALA A 185 28.52 2.30 28.48
CA ALA A 185 28.26 2.00 27.09
C ALA A 185 28.84 3.06 26.16
N ARG A 186 28.89 4.30 26.62
CA ARG A 186 29.52 5.38 25.85
C ARG A 186 30.99 5.07 25.63
N GLN A 187 31.67 4.65 26.71
CA GLN A 187 33.08 4.31 26.63
C GLN A 187 33.33 3.07 25.77
N VAL A 188 32.33 2.19 25.69
CA VAL A 188 32.45 0.98 24.88
C VAL A 188 32.39 1.31 23.40
N ARG A 190 32.85 3.99 22.08
CA ARG A 190 34.05 4.77 21.78
C ARG A 190 35.16 3.81 21.41
N GLU A 191 35.39 2.85 22.30
CA GLU A 191 36.44 1.85 22.16
C GLU A 191 36.26 1.01 20.89
N ILE A 192 35.02 0.92 20.41
CA ILE A 192 34.75 0.22 19.16
C ILE A 192 35.24 1.06 17.99
N TYR A 193 34.66 2.25 17.87
CA TYR A 193 34.89 3.14 16.75
C TYR A 193 36.21 3.91 16.78
N ARG A 194 37.03 3.68 17.81
CA ARG A 194 38.26 4.45 17.97
C ARG A 194 39.20 4.43 16.75
N PRO A 195 39.34 3.27 16.08
CA PRO A 195 40.08 3.35 14.81
C PRO A 195 39.34 4.04 13.66
N LEU A 196 39.38 5.38 13.65
CA LEU A 196 38.94 6.19 12.53
C LEU A 196 39.89 7.37 12.56
N SER A 197 39.84 8.14 13.64
CA SER A 197 40.93 9.05 14.00
C SER A 197 42.21 8.24 14.11
N PRO A 203 34.59 12.43 13.59
CA PRO A 203 34.04 12.49 14.95
C PRO A 203 32.85 11.54 15.19
N VAL A 204 32.60 11.28 16.47
CA VAL A 204 31.47 10.44 16.89
C VAL A 204 30.49 11.30 17.67
N LEU A 205 29.23 11.30 17.23
CA LEU A 205 28.22 12.16 17.84
C LEU A 205 27.45 11.42 18.93
N PHE A 206 27.50 11.96 20.15
CA PHE A 206 26.83 11.36 21.29
C PHE A 206 25.59 12.15 21.72
N THR A 207 24.43 11.66 21.31
CA THR A 207 23.16 12.25 21.73
C THR A 207 22.48 11.32 22.71
N GLY A 208 21.25 11.66 23.08
CA GLY A 208 20.41 10.75 23.84
C GLY A 208 19.86 9.67 22.92
N ARG A 209 19.16 8.70 23.46
CA ARG A 209 18.69 7.57 22.68
C ARG A 209 17.64 7.94 21.62
N ARG A 210 16.51 8.46 22.07
CA ARG A 210 15.41 8.80 21.16
C ARG A 210 15.81 9.85 20.12
N THR A 211 16.72 10.74 20.49
CA THR A 211 17.24 11.74 19.57
C THR A 211 17.97 11.05 18.43
N SER A 212 18.90 10.17 18.78
CA SER A 212 19.68 9.41 17.81
C SER A 212 18.81 8.53 16.92
N GLU A 213 17.70 8.04 17.46
CA GLU A 213 16.76 7.25 16.68
C GLU A 213 16.07 8.12 15.64
N LEU A 214 15.84 9.36 16.01
CA LEU A 214 15.12 10.32 15.17
C LEU A 214 15.95 10.81 13.98
N ILE A 215 17.26 10.94 14.18
CA ILE A 215 18.16 11.51 13.18
C ILE A 215 18.17 10.77 11.83
N LYS A 216 18.30 9.45 11.86
CA LYS A 216 18.34 8.65 10.64
C LYS A 216 17.11 8.87 9.76
N TYR A 217 15.95 8.97 10.39
CA TYR A 217 14.71 9.27 9.69
C TYR A 217 14.70 10.69 9.15
N ALA A 218 15.03 11.64 10.01
CA ALA A 218 15.05 13.05 9.67
C ALA A 218 15.96 13.35 8.48
N ALA A 219 17.13 12.72 8.45
CA ALA A 219 18.07 12.90 7.34
C ALA A 219 17.52 12.28 6.07
N ASN A 220 17.21 10.99 6.13
CA ASN A 220 16.62 10.29 5.00
C ASN A 220 15.33 10.93 4.50
N ALA A 221 14.61 11.60 5.38
CA ALA A 221 13.46 12.40 4.94
C ALA A 221 13.98 13.59 4.16
N PHE A 222 14.84 14.37 4.80
CA PHE A 222 15.37 15.61 4.22
C PHE A 222 16.04 15.47 2.86
N LEU A 223 16.72 14.36 2.60
CA LEU A 223 17.34 14.15 1.30
C LEU A 223 16.26 14.00 0.24
N ALA A 224 15.24 13.19 0.56
CA ALA A 224 14.11 12.98 -0.32
C ALA A 224 13.37 14.29 -0.60
N VAL A 225 13.36 15.18 0.38
CA VAL A 225 12.78 16.51 0.19
C VAL A 225 13.59 17.29 -0.83
N LYS A 226 14.91 17.29 -0.65
CA LYS A 226 15.83 17.98 -1.56
C LYS A 226 15.70 17.46 -2.99
N ILE A 227 15.64 16.14 -3.15
CA ILE A 227 15.51 15.51 -4.47
C ILE A 227 14.18 15.87 -5.11
N THR A 228 13.10 15.70 -4.37
CA THR A 228 11.76 15.92 -4.89
C THR A 228 11.48 17.40 -5.12
N PHE A 229 12.22 18.27 -4.44
CA PHE A 229 12.09 19.71 -4.62
C PHE A 229 12.53 20.11 -6.02
N ILE A 230 13.82 19.90 -6.30
CA ILE A 230 14.40 20.21 -7.61
C ILE A 230 13.70 19.47 -8.75
N ASN A 231 13.16 18.28 -8.45
CA ASN A 231 12.36 17.55 -9.43
C ASN A 231 11.12 18.34 -9.80
N GLU A 232 10.43 18.85 -8.79
CA GLU A 232 9.29 19.73 -9.00
C GLU A 232 9.71 20.99 -9.75
N ILE A 233 10.89 21.49 -9.43
CA ILE A 233 11.45 22.63 -10.14
C ILE A 233 11.74 22.26 -11.59
N ALA A 234 12.30 21.08 -11.78
CA ALA A 234 12.66 20.58 -13.10
C ALA A 234 11.45 20.48 -14.03
N ASP A 235 10.27 20.19 -13.46
CA ASP A 235 9.04 20.16 -14.23
C ASP A 235 8.73 21.56 -14.73
N LEU A 236 8.95 22.55 -13.87
CA LEU A 236 8.71 23.94 -14.20
C LEU A 236 9.72 24.45 -15.23
N CYS A 237 10.96 23.99 -15.11
CA CYS A 237 12.02 24.38 -16.04
C CYS A 237 11.69 23.96 -17.48
N GLU A 238 10.88 22.91 -17.61
CA GLU A 238 10.45 22.45 -18.93
C GLU A 238 9.48 23.45 -19.56
N GLN A 239 8.45 23.82 -18.81
CA GLN A 239 7.36 24.65 -19.31
C GLN A 239 7.71 26.12 -19.51
N VAL A 240 8.81 26.59 -18.94
CA VAL A 240 9.20 27.98 -19.12
C VAL A 240 10.55 28.08 -19.82
N GLY A 241 11.09 26.93 -20.20
CA GLY A 241 12.33 26.88 -20.96
C GLY A 241 13.58 27.28 -20.19
N ALA A 242 13.65 26.88 -18.92
CA ALA A 242 14.87 27.10 -18.16
C ALA A 242 15.80 25.91 -18.40
N ASP A 243 16.78 25.73 -17.51
CA ASP A 243 17.78 24.69 -17.68
C ASP A 243 18.24 24.23 -16.30
N VAL A 244 17.59 23.19 -15.77
CA VAL A 244 17.74 22.80 -14.36
C VAL A 244 19.17 22.45 -13.90
N GLN A 245 20.05 22.07 -14.83
CA GLN A 245 21.44 21.80 -14.46
C GLN A 245 22.11 23.09 -14.01
N GLU A 246 21.82 24.17 -14.72
CA GLU A 246 22.32 25.50 -14.35
C GLU A 246 21.66 25.97 -13.07
N VAL A 247 20.35 25.71 -12.95
CA VAL A 247 19.58 26.11 -11.79
C VAL A 247 20.06 25.43 -10.51
N SER A 248 20.28 24.12 -10.60
CA SER A 248 20.82 23.35 -9.47
C SER A 248 22.19 23.87 -9.10
N ARG A 249 22.96 24.27 -10.10
CA ARG A 249 24.25 24.90 -9.87
C ARG A 249 24.04 26.31 -9.33
N GLY A 250 23.00 26.97 -9.83
CA GLY A 250 22.65 28.31 -9.41
C GLY A 250 22.44 28.46 -7.90
N ILE A 251 21.78 27.48 -7.30
CA ILE A 251 21.58 27.48 -5.85
C ILE A 251 22.69 26.69 -5.18
N GLY A 252 23.37 25.85 -5.96
CA GLY A 252 24.36 24.93 -5.45
C GLY A 252 25.58 25.58 -4.86
N ASP A 254 25.63 28.06 -3.02
CA ASP A 254 25.33 28.52 -1.67
C ASP A 254 26.00 27.54 -0.71
N ASN A 255 26.42 28.01 0.45
CA ASN A 255 27.10 27.14 1.41
C ASN A 255 26.10 26.27 2.15
N ARG A 256 24.82 26.63 2.04
CA ARG A 256 23.74 25.80 2.58
C ARG A 256 23.23 24.84 1.50
N ILE A 257 24.03 24.74 0.43
CA ILE A 257 24.03 23.61 -0.50
C ILE A 257 25.48 23.21 -0.77
N PHE A 261 25.06 20.17 -6.22
CA PHE A 261 25.11 19.03 -5.33
C PHE A 261 23.78 18.30 -5.26
N LEU A 262 22.86 18.70 -6.13
CA LEU A 262 21.59 18.01 -6.29
C LEU A 262 21.23 17.97 -7.77
N HIS A 263 20.67 16.85 -8.21
CA HIS A 263 20.42 16.63 -9.62
C HIS A 263 19.00 16.12 -9.86
N ALA A 264 18.36 16.63 -10.90
CA ALA A 264 17.00 16.24 -11.22
C ALA A 264 16.90 14.76 -11.54
N GLY A 265 15.77 14.14 -11.21
CA GLY A 265 15.55 12.74 -11.51
C GLY A 265 14.10 12.38 -11.73
N PRO A 266 13.84 11.08 -12.00
CA PRO A 266 12.48 10.53 -12.07
C PRO A 266 12.01 10.11 -10.69
N GLY A 267 12.71 10.57 -9.66
CA GLY A 267 12.34 10.27 -8.28
C GLY A 267 13.37 9.46 -7.53
N TYR A 268 13.00 9.01 -6.33
CA TYR A 268 13.87 8.21 -5.48
C TYR A 268 13.22 6.88 -5.14
N GLY A 269 13.98 6.00 -4.49
CA GLY A 269 13.50 4.69 -4.12
C GLY A 269 14.55 3.98 -3.28
N GLY A 270 14.69 2.67 -3.47
CA GLY A 270 15.66 1.89 -2.71
C GLY A 270 15.05 1.23 -1.51
N SER A 271 15.84 0.38 -0.85
CA SER A 271 15.40 -0.31 0.37
C SER A 271 15.14 0.66 1.50
N CYS A 272 15.98 1.69 1.59
CA CYS A 272 15.99 2.60 2.73
C CYS A 272 14.94 3.70 2.66
N PHE A 273 15.01 4.51 1.60
CA PHE A 273 14.25 5.76 1.50
C PHE A 273 12.72 5.76 1.68
N PRO A 274 11.96 5.30 0.66
CA PRO A 274 10.56 5.72 0.52
C PRO A 274 9.66 5.24 1.64
N LYS A 275 10.14 4.27 2.42
CA LYS A 275 9.38 3.72 3.55
C LYS A 275 9.73 4.47 4.83
N ASP A 276 10.99 4.85 4.97
CA ASP A 276 11.44 5.59 6.14
C ASP A 276 10.75 6.94 6.22
N THR A 277 10.44 7.50 5.05
CA THR A 277 9.56 8.65 4.96
C THR A 277 8.24 8.28 5.60
N LEU A 278 7.61 7.26 5.02
CA LEU A 278 6.30 6.78 5.39
C LEU A 278 6.16 6.40 6.86
N ALA A 279 7.19 5.79 7.44
CA ALA A 279 7.15 5.44 8.86
C ALA A 279 7.20 6.71 9.71
N LEU A 280 8.08 7.62 9.32
CA LEU A 280 8.21 8.92 9.98
C LEU A 280 6.91 9.71 9.88
N LYS A 282 4.07 8.40 9.59
CA LYS A 282 3.18 7.63 10.46
C LYS A 282 3.45 7.88 11.94
N THR A 283 4.72 7.79 12.33
CA THR A 283 5.09 7.96 13.73
C THR A 283 4.76 9.37 14.21
N ALA A 284 4.79 10.33 13.28
CA ALA A 284 4.41 11.70 13.60
C ALA A 284 2.91 11.76 13.85
N ALA A 285 2.15 11.01 13.06
CA ALA A 285 0.70 10.96 13.17
C ALA A 285 0.24 10.35 14.49
N ASP A 286 0.87 9.26 14.91
CA ASP A 286 0.57 8.63 16.19
C ASP A 286 0.94 9.58 17.32
N ASN A 287 2.05 10.29 17.14
CA ASN A 287 2.43 11.30 18.11
C ASN A 287 1.83 12.66 17.78
N GLU A 288 0.76 12.64 16.98
CA GLU A 288 -0.17 13.76 16.85
C GLU A 288 0.37 15.06 16.28
N THR A 289 1.48 15.00 15.55
CA THR A 289 1.93 16.15 14.79
C THR A 289 1.91 15.82 13.31
N PRO A 290 1.50 16.80 12.49
CA PRO A 290 1.61 16.62 11.04
C PRO A 290 3.05 16.84 10.59
N LEU A 291 3.42 16.24 9.46
CA LEU A 291 4.68 16.53 8.81
C LEU A 291 4.40 16.81 7.34
N ARG A 292 3.76 17.96 7.12
CA ARG A 292 3.20 18.36 5.82
C ARG A 292 4.18 18.33 4.65
N ILE A 293 5.42 18.74 4.87
CA ILE A 293 6.40 18.81 3.80
C ILE A 293 6.76 17.41 3.29
N VAL A 294 7.03 16.50 4.22
CA VAL A 294 7.31 15.11 3.86
C VAL A 294 6.02 14.41 3.43
N GLU A 295 4.89 14.93 3.91
CA GLU A 295 3.58 14.43 3.53
C GLU A 295 3.31 14.75 2.07
N ALA A 296 3.83 15.90 1.63
CA ALA A 296 3.75 16.30 0.24
C ALA A 296 4.78 15.54 -0.59
N THR A 297 5.95 15.32 0.01
CA THR A 297 7.12 14.77 -0.69
C THR A 297 6.92 13.41 -1.37
N VAL A 298 6.32 12.45 -0.67
CA VAL A 298 6.02 11.16 -1.27
C VAL A 298 4.90 11.30 -2.29
N GLN A 299 3.89 12.10 -1.93
CA GLN A 299 2.73 12.32 -2.78
C GLN A 299 3.09 12.85 -4.17
N VAL A 300 4.18 13.60 -4.26
CA VAL A 300 4.70 14.02 -5.56
C VAL A 300 5.43 12.83 -6.16
N ASN A 301 6.34 12.28 -5.37
CA ASN A 301 7.25 11.23 -5.81
C ASN A 301 6.58 9.98 -6.40
N ASP A 302 5.50 9.51 -5.76
CA ASP A 302 4.75 8.37 -6.28
C ASP A 302 4.16 8.74 -7.63
N ALA A 303 3.59 9.95 -7.68
CA ALA A 303 2.96 10.45 -8.89
C ALA A 303 3.99 10.81 -9.96
N ARG A 304 5.21 11.12 -9.54
CA ARG A 304 6.25 11.57 -10.45
C ARG A 304 6.77 10.50 -11.43
N LYS A 305 7.30 9.40 -10.89
CA LYS A 305 7.89 8.35 -11.71
C LYS A 305 6.88 7.74 -12.69
N ARG A 306 5.61 7.72 -12.30
CA ARG A 306 4.54 7.30 -13.20
C ARG A 306 4.45 8.29 -14.36
N ALA A 307 4.44 9.58 -14.01
CA ALA A 307 4.34 10.66 -14.98
C ALA A 307 5.57 10.72 -15.90
N GLY A 309 6.81 8.22 -17.08
CA GLY A 309 6.38 7.28 -18.10
C GLY A 309 5.53 7.98 -19.14
N ARG A 310 4.68 8.90 -18.69
CA ARG A 310 3.82 9.67 -19.59
C ARG A 310 4.64 10.68 -20.37
N LYS A 311 5.80 11.05 -19.84
CA LYS A 311 6.72 11.95 -20.53
C LYS A 311 7.24 11.26 -21.78
N VAL A 312 7.50 9.96 -21.65
CA VAL A 312 7.97 9.14 -22.76
C VAL A 312 6.91 9.06 -23.86
N ILE A 313 5.68 8.79 -23.45
CA ILE A 313 4.56 8.65 -24.38
C ILE A 313 4.34 9.94 -25.18
N LYS A 314 4.45 11.07 -24.50
CA LYS A 314 4.34 12.38 -25.13
C LYS A 314 5.45 12.55 -26.15
N ALA A 315 6.66 12.13 -25.77
CA ALA A 315 7.81 12.15 -26.67
C ALA A 315 7.61 11.17 -27.82
N GLY A 317 5.02 10.62 -29.42
CA GLY A 317 3.84 11.01 -30.17
C GLY A 317 2.53 11.04 -29.37
N GLY A 318 2.33 10.06 -28.50
CA GLY A 318 1.09 9.97 -27.75
C GLY A 318 0.42 8.60 -27.82
N ASP A 319 0.60 7.91 -28.93
CA ASP A 319 0.01 6.59 -29.11
C ASP A 319 1.11 5.53 -29.05
N VAL A 320 1.15 4.82 -27.93
CA VAL A 320 2.16 3.79 -27.73
C VAL A 320 1.53 2.40 -27.62
N ARG A 321 0.32 2.24 -28.16
CA ARG A 321 -0.31 0.93 -28.27
C ARG A 321 0.52 0.09 -29.25
N GLY A 322 0.99 -1.07 -28.79
CA GLY A 322 1.70 -1.99 -29.66
C GLY A 322 3.10 -1.61 -30.13
N LYS A 323 3.65 -0.51 -29.63
CA LYS A 323 5.02 -0.15 -30.01
C LYS A 323 6.05 -0.86 -29.11
N THR A 324 7.32 -0.49 -29.25
CA THR A 324 8.38 -1.21 -28.56
C THR A 324 9.39 -0.25 -27.94
N VAL A 325 9.71 -0.47 -26.67
CA VAL A 325 10.47 0.52 -25.90
C VAL A 325 11.71 -0.08 -25.22
N GLY A 326 12.87 0.54 -25.45
CA GLY A 326 14.09 0.13 -24.80
C GLY A 326 14.30 0.87 -23.48
N ILE A 327 14.82 0.15 -22.49
CA ILE A 327 15.13 0.75 -21.20
C ILE A 327 16.61 0.54 -20.87
N LEU A 328 17.29 1.61 -20.49
CA LEU A 328 18.64 1.49 -19.95
C LEU A 328 18.60 1.75 -18.45
N GLY A 329 19.14 0.82 -17.68
CA GLY A 329 19.10 0.92 -16.22
C GLY A 329 17.78 0.42 -15.66
N LEU A 330 17.82 -0.18 -14.48
CA LEU A 330 16.61 -0.72 -13.86
C LEU A 330 16.52 -0.42 -12.37
N THR A 331 17.66 -0.47 -11.68
CA THR A 331 17.68 -0.21 -10.25
C THR A 331 17.41 1.25 -9.95
N PHE A 332 17.34 1.60 -8.67
CA PHE A 332 17.11 2.97 -8.24
C PHE A 332 18.45 3.69 -8.16
N LYS A 333 19.51 3.01 -8.58
CA LYS A 333 20.84 3.39 -8.18
C LYS A 333 21.88 2.54 -8.91
N PRO A 334 22.91 3.18 -9.45
CA PRO A 334 23.99 2.39 -10.05
C PRO A 334 24.83 1.70 -8.99
N ASN A 335 25.60 0.70 -9.41
CA ASN A 335 26.54 -0.01 -8.53
C ASN A 335 25.94 -0.78 -7.35
N THR A 336 24.72 -1.28 -7.55
CA THR A 336 24.18 -2.36 -6.74
C THR A 336 23.04 -3.03 -7.50
N ASP A 337 22.41 -4.01 -6.87
CA ASP A 337 21.39 -4.82 -7.53
C ASP A 337 20.03 -4.58 -6.89
N ASP A 338 20.00 -3.71 -5.89
CA ASP A 338 18.81 -3.48 -5.09
C ASP A 338 17.67 -2.83 -5.87
N ARG A 340 14.65 -3.12 -5.09
CA ARG A 340 13.57 -2.91 -4.13
C ARG A 340 13.07 -1.45 -4.15
N ASP A 341 11.84 -1.27 -4.62
CA ASP A 341 11.28 0.05 -4.87
C ASP A 341 12.17 0.87 -5.78
N ALA A 342 12.35 0.39 -7.00
CA ALA A 342 13.03 1.17 -8.04
C ALA A 342 11.98 2.13 -8.58
N PRO A 343 12.43 3.23 -9.21
CA PRO A 343 11.49 4.04 -9.99
C PRO A 343 10.99 3.23 -11.19
N SER A 344 11.93 2.56 -11.85
CA SER A 344 11.69 1.89 -13.14
C SER A 344 10.45 1.00 -13.24
N LEU A 345 10.11 0.27 -12.18
CA LEU A 345 8.95 -0.62 -12.20
C LEU A 345 7.68 0.18 -12.51
N SER A 346 7.56 1.34 -11.89
CA SER A 346 6.43 2.23 -12.10
C SER A 346 6.45 2.78 -13.52
N ILE A 347 7.65 3.04 -14.02
CA ILE A 347 7.83 3.56 -15.37
C ILE A 347 7.45 2.51 -16.40
N ILE A 348 7.86 1.25 -16.14
CA ILE A 348 7.51 0.13 -17.01
C ILE A 348 6.00 -0.09 -17.01
N ALA A 349 5.45 -0.30 -15.82
CA ALA A 349 4.02 -0.59 -15.65
C ALA A 349 3.14 0.48 -16.26
N ALA A 350 3.64 1.71 -16.37
CA ALA A 350 2.90 2.78 -17.02
C ALA A 350 2.82 2.46 -18.51
N LEU A 351 3.98 2.17 -19.10
CA LEU A 351 4.10 1.85 -20.51
C LEU A 351 3.34 0.59 -20.91
N GLN A 352 3.30 -0.40 -20.02
CA GLN A 352 2.55 -1.61 -20.27
C GLN A 352 1.05 -1.31 -20.29
N ASP A 353 0.64 -0.40 -19.42
CA ASP A 353 -0.76 -0.02 -19.30
C ASP A 353 -1.28 0.71 -20.54
N ALA A 354 -0.38 1.22 -21.36
CA ALA A 354 -0.77 1.79 -22.64
C ALA A 354 -0.34 0.84 -23.77
N GLY A 355 -0.24 -0.44 -23.43
CA GLY A 355 0.04 -1.50 -24.37
C GLY A 355 1.34 -1.44 -25.14
N ALA A 356 2.46 -1.62 -24.44
CA ALA A 356 3.74 -1.67 -25.13
C ALA A 356 4.68 -2.77 -24.62
N THR A 357 5.94 -2.70 -25.06
CA THR A 357 6.83 -3.84 -24.98
C THR A 357 8.25 -3.39 -24.66
N VAL A 358 8.93 -4.16 -23.82
CA VAL A 358 9.97 -3.58 -22.97
C VAL A 358 11.32 -4.30 -22.92
N LYS A 359 12.24 -3.91 -23.78
CA LYS A 359 13.62 -4.37 -23.62
C LYS A 359 14.19 -3.67 -22.41
N ALA A 360 15.06 -4.35 -21.68
CA ALA A 360 15.63 -3.75 -20.48
C ALA A 360 17.02 -4.32 -20.19
N TYR A 361 18.00 -3.43 -20.07
CA TYR A 361 19.33 -3.86 -19.64
C TYR A 361 19.69 -3.29 -18.28
N ASP A 362 20.16 -4.17 -17.41
CA ASP A 362 20.88 -3.73 -16.22
C ASP A 362 22.07 -4.68 -16.05
N PRO A 363 23.26 -4.11 -15.81
CA PRO A 363 24.49 -4.89 -15.63
C PRO A 363 24.34 -5.96 -14.54
N GLU A 364 23.73 -5.60 -13.42
CA GLU A 364 23.69 -6.47 -12.25
C GLU A 364 22.35 -6.54 -11.51
N GLY A 365 21.31 -5.93 -12.06
CA GLY A 365 20.01 -5.95 -11.40
C GLY A 365 19.12 -7.13 -11.73
N VAL A 366 19.21 -7.61 -12.97
CA VAL A 366 18.25 -8.60 -13.54
C VAL A 366 17.65 -9.74 -12.68
N GLU A 367 18.47 -10.66 -12.16
CA GLU A 367 17.91 -11.82 -11.46
C GLU A 367 17.10 -11.45 -10.20
N GLN A 368 17.33 -10.24 -9.71
CA GLN A 368 16.53 -9.72 -8.60
C GLN A 368 15.33 -8.96 -9.17
N ALA A 369 15.54 -8.30 -10.30
CA ALA A 369 14.51 -7.53 -10.98
C ALA A 369 13.40 -8.40 -11.56
N SER A 370 13.74 -9.62 -11.95
CA SER A 370 12.79 -10.54 -12.57
C SER A 370 11.61 -10.93 -11.67
N LYS A 371 11.84 -10.93 -10.36
CA LYS A 371 10.82 -11.36 -9.39
C LYS A 371 9.80 -10.26 -9.12
N LEU A 373 8.85 -8.19 -11.73
CA LEU A 373 8.49 -7.73 -13.07
C LEU A 373 7.78 -8.75 -13.95
N THR A 374 6.60 -8.39 -14.43
CA THR A 374 5.88 -9.22 -15.38
C THR A 374 6.32 -8.86 -16.79
N ASP A 375 6.39 -9.85 -17.66
CA ASP A 375 6.35 -9.60 -19.11
C ASP A 375 7.45 -8.66 -19.60
N VAL A 376 8.72 -9.05 -19.43
CA VAL A 376 9.81 -8.12 -19.70
C VAL A 376 11.05 -8.78 -20.32
N GLU A 377 11.30 -8.54 -21.59
CA GLU A 377 12.46 -9.16 -22.24
C GLU A 377 13.75 -8.47 -21.82
N PHE A 378 14.48 -9.11 -20.91
CA PHE A 378 15.79 -8.63 -20.52
C PHE A 378 16.76 -8.98 -21.63
N VAL A 379 17.92 -8.32 -21.64
CA VAL A 379 18.93 -8.61 -22.64
C VAL A 379 20.29 -8.81 -22.00
N GLU A 380 21.34 -8.75 -22.81
CA GLU A 380 22.70 -8.99 -22.35
C GLU A 380 23.51 -7.72 -22.47
N ASN A 381 22.94 -6.72 -23.13
CA ASN A 381 23.73 -5.63 -23.67
C ASN A 381 22.90 -4.38 -23.95
N PRO A 382 23.42 -3.20 -23.56
CA PRO A 382 22.67 -1.93 -23.67
C PRO A 382 22.35 -1.56 -25.11
N TYR A 383 23.26 -1.87 -26.03
CA TYR A 383 23.04 -1.59 -27.45
C TYR A 383 21.93 -2.46 -28.02
N ALA A 384 21.72 -3.62 -27.39
CA ALA A 384 20.69 -4.55 -27.84
C ALA A 384 19.31 -4.17 -27.34
N ALA A 385 19.27 -3.29 -26.34
CA ALA A 385 18.00 -2.83 -25.77
C ALA A 385 17.27 -1.91 -26.72
N ALA A 386 18.02 -1.19 -27.54
CA ALA A 386 17.46 -0.26 -28.51
C ALA A 386 17.13 -0.95 -29.82
N ASP A 387 17.77 -2.10 -30.07
CA ASP A 387 17.70 -2.79 -31.36
C ASP A 387 16.30 -2.99 -31.92
N GLY A 388 15.83 -2.04 -32.71
CA GLY A 388 14.50 -2.16 -33.28
C GLY A 388 13.46 -1.85 -32.24
N ALA A 389 13.68 -0.76 -31.51
CA ALA A 389 12.70 -0.26 -30.56
C ALA A 389 12.12 0.98 -31.20
N ASP A 390 11.09 1.57 -30.59
CA ASP A 390 10.56 2.82 -31.08
C ASP A 390 11.24 3.96 -30.35
N ALA A 391 11.80 3.64 -29.19
CA ALA A 391 12.48 4.62 -28.36
C ALA A 391 13.37 3.95 -27.33
N LEU A 392 14.35 4.69 -26.83
CA LEU A 392 15.21 4.21 -25.75
C LEU A 392 15.15 5.18 -24.57
N VAL A 393 14.97 4.62 -23.38
CA VAL A 393 14.96 5.43 -22.16
C VAL A 393 16.15 5.09 -21.30
N ILE A 394 16.87 6.12 -20.85
CA ILE A 394 17.90 5.95 -19.84
C ILE A 394 17.27 6.25 -18.49
N VAL A 395 17.43 5.35 -17.53
CA VAL A 395 16.81 5.51 -16.22
C VAL A 395 17.86 5.63 -15.12
N THR A 396 18.81 4.69 -15.11
CA THR A 396 19.82 4.64 -14.06
C THR A 396 21.21 4.83 -14.65
N GLU A 397 21.96 5.78 -14.10
CA GLU A 397 23.26 6.14 -14.65
C GLU A 397 24.40 5.23 -14.24
N TRP A 398 24.35 3.97 -14.67
CA TRP A 398 25.55 3.15 -14.65
C TRP A 398 26.52 3.87 -15.55
N ASP A 399 27.72 4.17 -15.03
CA ASP A 399 28.68 5.00 -15.75
C ASP A 399 29.15 4.42 -17.09
N ALA A 400 28.84 3.16 -17.34
CA ALA A 400 29.17 2.55 -18.63
C ALA A 400 28.36 3.21 -19.74
N PHE A 401 27.17 3.69 -19.38
CA PHE A 401 26.27 4.38 -20.30
C PHE A 401 26.84 5.74 -20.72
N ARG A 402 27.59 6.35 -19.80
CA ARG A 402 28.09 7.71 -20.01
C ARG A 402 29.02 7.81 -21.22
N ALA A 403 29.67 6.72 -21.58
CA ALA A 403 30.50 6.67 -22.78
C ALA A 403 30.01 5.58 -23.73
N LEU A 404 29.01 5.89 -24.53
CA LEU A 404 28.49 4.94 -25.51
C LEU A 404 28.44 5.56 -26.90
N ASP A 405 28.34 4.71 -27.92
CA ASP A 405 28.20 5.16 -29.29
C ASP A 405 26.74 5.52 -29.57
N LEU A 406 26.48 6.81 -29.77
CA LEU A 406 25.12 7.29 -30.05
C LEU A 406 24.72 6.94 -31.48
N THR A 407 25.71 6.83 -32.36
CA THR A 407 25.47 6.68 -33.79
C THR A 407 25.03 5.28 -34.20
N ARG A 408 25.31 4.28 -33.37
CA ARG A 408 24.80 2.93 -33.60
C ARG A 408 23.30 2.94 -33.39
N ILE A 409 22.87 3.67 -32.37
CA ILE A 409 21.50 3.69 -31.90
C ILE A 409 20.50 4.29 -32.90
N LYS A 410 20.90 5.36 -33.57
CA LYS A 410 20.05 5.94 -34.61
C LYS A 410 19.79 4.91 -35.70
N ASN A 411 20.77 4.04 -35.93
CA ASN A 411 20.65 2.96 -36.90
C ASN A 411 20.01 1.72 -36.29
N SER A 412 19.84 1.75 -34.98
CA SER A 412 19.29 0.62 -34.22
C SER A 412 17.81 0.82 -33.90
N LEU A 413 17.27 1.97 -34.30
CA LEU A 413 15.92 2.36 -33.91
C LEU A 413 14.90 2.46 -35.05
N LYS A 414 13.67 2.07 -34.75
CA LYS A 414 12.56 2.22 -35.67
C LYS A 414 12.09 3.67 -35.65
N SER A 415 12.42 4.38 -34.57
CA SER A 415 12.15 5.80 -34.45
C SER A 415 13.24 6.43 -33.58
N PRO A 416 13.86 7.51 -34.07
CA PRO A 416 15.06 8.12 -33.48
C PRO A 416 14.76 8.88 -32.19
N VAL A 417 14.18 8.19 -31.21
CA VAL A 417 13.68 8.84 -30.01
C VAL A 417 14.41 8.39 -28.74
N LEU A 418 15.09 9.32 -28.09
CA LEU A 418 15.82 9.02 -26.85
C LEU A 418 15.35 9.87 -25.69
N VAL A 419 15.13 9.24 -24.54
CA VAL A 419 14.77 9.97 -23.33
C VAL A 419 15.83 9.79 -22.25
N ASP A 420 16.73 10.77 -22.15
CA ASP A 420 17.66 10.82 -21.02
C ASP A 420 16.79 11.21 -19.81
N LEU A 421 17.03 10.60 -18.66
CA LEU A 421 16.27 10.96 -17.47
C LEU A 421 17.19 11.30 -16.31
N ARG A 422 18.49 11.15 -16.52
CA ARG A 422 19.49 11.54 -15.54
C ARG A 422 20.41 12.58 -16.16
N ASN A 423 19.97 13.14 -17.29
CA ASN A 423 20.61 14.29 -17.93
C ASN A 423 22.11 14.16 -18.21
N ILE A 424 22.58 12.96 -18.49
CA ILE A 424 24.00 12.72 -18.72
C ILE A 424 24.49 13.24 -20.07
N TYR A 425 23.82 12.82 -21.15
CA TYR A 425 24.24 13.18 -22.50
C TYR A 425 23.95 14.64 -22.84
N PRO A 426 25.00 15.41 -23.17
CA PRO A 426 24.82 16.77 -23.69
C PRO A 426 24.07 16.72 -25.03
N PRO A 427 23.03 17.55 -25.19
CA PRO A 427 22.07 17.48 -26.30
C PRO A 427 22.72 17.73 -27.67
N ALA A 428 23.89 18.37 -27.69
CA ALA A 428 24.60 18.62 -28.94
C ALA A 428 24.95 17.30 -29.63
N GLU A 429 25.31 16.30 -28.84
CA GLU A 429 25.59 14.96 -29.35
C GLU A 429 24.36 14.35 -30.00
N LEU A 430 23.22 14.50 -29.32
CA LEU A 430 21.96 13.98 -29.85
C LEU A 430 21.50 14.83 -31.04
N GLU A 431 21.91 16.09 -31.09
CA GLU A 431 21.66 16.92 -32.26
C GLU A 431 22.57 16.45 -33.38
N ARG A 432 23.81 16.10 -33.02
CA ARG A 432 24.78 15.63 -34.00
C ARG A 432 24.33 14.32 -34.63
N ALA A 433 23.87 13.38 -33.81
CA ALA A 433 23.35 12.12 -34.31
C ALA A 433 21.89 12.25 -34.71
N GLY A 434 21.42 13.49 -34.88
CA GLY A 434 20.06 13.77 -35.30
C GLY A 434 18.94 13.19 -34.44
N LEU A 435 19.23 12.90 -33.17
CA LEU A 435 18.25 12.27 -32.29
C LEU A 435 17.24 13.23 -31.66
N GLN A 436 16.08 12.67 -31.31
CA GLN A 436 15.07 13.41 -30.57
C GLN A 436 15.44 13.54 -29.10
N TYR A 437 16.06 14.66 -28.76
CA TYR A 437 16.51 14.92 -27.40
C TYR A 437 15.34 15.18 -26.44
N THR A 438 15.38 14.53 -25.28
CA THR A 438 14.42 14.76 -24.21
C THR A 438 15.06 14.45 -22.87
N GLY A 439 15.47 15.49 -22.15
CA GLY A 439 16.04 15.33 -20.83
C GLY A 439 15.03 15.69 -19.76
N VAL A 440 15.52 16.07 -18.58
CA VAL A 440 14.63 16.50 -17.51
C VAL A 440 14.88 17.97 -17.20
N GLY A 441 13.92 18.81 -17.57
CA GLY A 441 14.08 20.24 -17.43
C GLY A 441 14.86 20.82 -18.61
N LYS A 442 14.23 20.84 -19.78
CA LYS A 442 14.90 21.27 -21.01
C LYS A 442 14.04 22.15 -21.90
N PRO A 443 14.66 23.16 -22.51
CA PRO A 443 13.98 24.03 -23.49
C PRO A 443 13.64 23.27 -24.77
N VAL B 9 -35.93 -12.41 -20.32
CA VAL B 9 -34.98 -12.84 -21.35
C VAL B 9 -33.72 -13.50 -20.77
N ARG B 10 -32.82 -13.94 -21.66
CA ARG B 10 -31.62 -14.69 -21.28
C ARG B 10 -30.45 -13.83 -20.81
N ILE B 11 -29.98 -14.07 -19.59
CA ILE B 11 -28.94 -13.23 -18.97
C ILE B 11 -27.78 -14.03 -18.37
N ALA B 12 -26.55 -13.64 -18.71
CA ALA B 12 -25.36 -14.25 -18.12
C ALA B 12 -24.62 -13.23 -17.25
N ILE B 14 -21.36 -12.85 -15.54
CA ILE B 14 -20.00 -13.31 -15.34
C ILE B 14 -19.48 -12.70 -14.05
N GLY B 15 -19.34 -13.55 -13.03
CA GLY B 15 -19.02 -13.10 -11.68
C GLY B 15 -20.16 -13.44 -10.77
N THR B 16 -19.85 -13.97 -9.58
CA THR B 16 -20.88 -14.32 -8.63
C THR B 16 -20.39 -14.03 -7.22
N GLY B 17 -19.87 -12.82 -7.03
CA GLY B 17 -19.44 -12.36 -5.72
C GLY B 17 -20.56 -11.59 -5.05
N TYR B 18 -20.20 -10.59 -4.25
CA TYR B 18 -21.19 -9.76 -3.56
C TYR B 18 -22.21 -9.10 -4.50
N VAL B 19 -21.78 -8.77 -5.72
CA VAL B 19 -22.65 -8.12 -6.70
C VAL B 19 -23.37 -9.14 -7.58
N GLY B 20 -22.58 -9.82 -8.41
CA GLY B 20 -23.10 -10.76 -9.40
C GLY B 20 -24.16 -11.70 -8.89
N LEU B 21 -24.08 -12.07 -7.62
CA LEU B 21 -25.10 -12.92 -7.01
C LEU B 21 -26.40 -12.14 -6.90
N VAL B 22 -26.38 -11.11 -6.07
CA VAL B 22 -27.54 -10.25 -5.79
C VAL B 22 -28.16 -9.63 -7.04
N SER B 23 -27.33 -9.21 -8.00
CA SER B 23 -27.86 -8.64 -9.24
C SER B 23 -28.63 -9.71 -10.02
N GLY B 24 -27.92 -10.78 -10.41
CA GLY B 24 -28.51 -11.89 -11.14
C GLY B 24 -29.75 -12.51 -10.50
N ALA B 25 -29.74 -12.64 -9.19
CA ALA B 25 -30.88 -13.21 -8.47
C ALA B 25 -32.11 -12.33 -8.63
N CYS B 26 -31.94 -11.03 -8.42
CA CYS B 26 -33.02 -10.07 -8.58
C CYS B 26 -33.50 -9.99 -10.03
N PHE B 27 -32.61 -10.23 -10.97
CA PHE B 27 -32.99 -10.28 -12.39
C PHE B 27 -33.93 -11.45 -12.64
N SER B 28 -33.71 -12.55 -11.93
CA SER B 28 -34.57 -13.73 -12.06
C SER B 28 -35.94 -13.46 -11.48
N ASP B 29 -36.00 -12.59 -10.47
CA ASP B 29 -37.27 -12.18 -9.88
C ASP B 29 -38.05 -11.27 -10.82
N PHE B 30 -37.36 -10.73 -11.82
CA PHE B 30 -38.00 -9.94 -12.86
C PHE B 30 -38.55 -10.88 -13.94
N GLY B 31 -38.18 -12.16 -13.83
CA GLY B 31 -38.65 -13.16 -14.76
C GLY B 31 -37.68 -13.41 -15.90
N HIS B 32 -36.46 -12.90 -15.76
CA HIS B 32 -35.44 -13.10 -16.79
C HIS B 32 -34.73 -14.44 -16.61
N GLU B 33 -34.24 -14.99 -17.72
CA GLU B 33 -33.49 -16.24 -17.67
C GLU B 33 -32.05 -15.94 -17.28
N VAL B 34 -31.64 -16.40 -16.10
CA VAL B 34 -30.39 -15.96 -15.49
C VAL B 34 -29.38 -17.08 -15.26
N VAL B 35 -28.14 -16.86 -15.70
CA VAL B 35 -27.04 -17.76 -15.41
C VAL B 35 -25.90 -17.00 -14.76
N CYS B 36 -25.53 -17.41 -13.54
CA CYS B 36 -24.43 -16.78 -12.82
C CYS B 36 -23.18 -17.65 -12.95
N VAL B 37 -22.06 -17.03 -13.30
CA VAL B 37 -20.82 -17.77 -13.51
C VAL B 37 -19.74 -17.30 -12.55
N ASP B 38 -18.96 -18.25 -12.03
CA ASP B 38 -17.77 -17.91 -11.27
C ASP B 38 -16.73 -19.02 -11.45
N LYS B 39 -15.48 -18.62 -11.68
CA LYS B 39 -14.41 -19.59 -11.88
C LYS B 39 -13.77 -20.09 -10.58
N ASP B 40 -14.20 -19.53 -9.45
CA ASP B 40 -13.96 -20.19 -8.18
C ASP B 40 -14.96 -21.34 -8.20
N ALA B 41 -14.61 -22.49 -7.66
CA ALA B 41 -15.55 -23.60 -7.63
C ALA B 41 -16.38 -23.53 -6.38
N ARG B 42 -15.71 -23.28 -5.25
CA ARG B 42 -16.31 -23.32 -3.91
C ARG B 42 -17.62 -22.55 -3.77
N LYS B 43 -17.73 -21.41 -4.45
CA LYS B 43 -18.97 -20.63 -4.40
C LYS B 43 -20.06 -21.40 -5.13
N ILE B 44 -19.74 -21.81 -6.35
CA ILE B 44 -20.65 -22.57 -7.19
C ILE B 44 -20.96 -23.94 -6.58
N GLU B 45 -19.98 -24.49 -5.85
CA GLU B 45 -20.18 -25.75 -5.16
C GLU B 45 -20.70 -25.51 -3.75
N LEU B 46 -21.24 -24.31 -3.52
CA LEU B 46 -21.92 -23.97 -2.29
C LEU B 46 -23.35 -23.57 -2.65
N LEU B 47 -23.50 -22.86 -3.76
CA LEU B 47 -24.79 -22.46 -4.28
C LEU B 47 -25.60 -23.66 -4.76
N HIS B 48 -24.89 -24.65 -5.31
CA HIS B 48 -25.54 -25.88 -5.76
C HIS B 48 -25.98 -26.72 -4.58
N GLN B 49 -25.38 -26.47 -3.42
CA GLN B 49 -25.75 -27.12 -2.16
C GLN B 49 -26.81 -26.26 -1.50
N ASN B 50 -27.16 -25.16 -2.16
CA ASN B 50 -28.04 -24.15 -1.61
C ASN B 50 -27.54 -23.58 -0.27
N VAL B 51 -26.25 -23.29 -0.22
CA VAL B 51 -25.68 -22.51 0.86
C VAL B 51 -25.05 -21.27 0.28
N PRO B 53 -22.65 -18.18 0.13
CA PRO B 53 -21.32 -18.01 0.72
C PRO B 53 -21.31 -16.88 1.73
N ILE B 54 -21.96 -15.77 1.38
CA ILE B 54 -21.86 -14.54 2.16
C ILE B 54 -23.18 -14.15 2.81
N TYR B 55 -23.10 -13.18 3.72
CA TYR B 55 -24.29 -12.67 4.38
C TYR B 55 -24.88 -11.49 3.63
N GLU B 56 -26.06 -11.71 3.05
CA GLU B 56 -26.93 -10.61 2.66
C GLU B 56 -28.33 -11.04 3.04
N PRO B 57 -29.03 -10.18 3.78
CA PRO B 57 -30.43 -10.40 4.15
C PRO B 57 -31.29 -10.62 2.91
N GLY B 58 -32.23 -11.56 2.98
CA GLY B 58 -33.18 -11.79 1.91
C GLY B 58 -32.67 -12.69 0.80
N LEU B 59 -31.36 -12.83 0.71
CA LEU B 59 -30.73 -13.58 -0.37
C LEU B 59 -30.96 -15.09 -0.17
N ASP B 60 -31.09 -15.50 1.09
CA ASP B 60 -31.32 -16.88 1.46
C ASP B 60 -32.52 -17.47 0.72
N ALA B 61 -33.63 -16.74 0.73
CA ALA B 61 -34.83 -17.15 0.03
C ALA B 61 -34.72 -16.84 -1.45
N LEU B 62 -34.39 -15.59 -1.76
CA LEU B 62 -34.38 -15.06 -3.13
C LEU B 62 -33.73 -15.97 -4.18
N VAL B 63 -32.59 -16.58 -3.86
CA VAL B 63 -31.99 -17.56 -4.75
C VAL B 63 -32.77 -18.85 -4.70
N ALA B 64 -32.80 -19.44 -3.52
CA ALA B 64 -33.48 -20.71 -3.26
C ALA B 64 -34.91 -20.73 -3.79
N SER B 65 -35.53 -19.56 -3.86
CA SER B 65 -36.83 -19.45 -4.50
C SER B 65 -36.61 -19.70 -5.98
N ASN B 66 -36.02 -18.71 -6.63
CA ASN B 66 -35.83 -18.68 -8.09
C ASN B 66 -35.01 -19.84 -8.62
N VAL B 67 -34.37 -20.61 -7.74
CA VAL B 67 -33.85 -21.91 -8.12
C VAL B 67 -35.03 -22.76 -8.55
N LYS B 68 -36.01 -22.89 -7.65
CA LYS B 68 -37.14 -23.81 -7.86
C LYS B 68 -38.03 -23.41 -9.02
N ALA B 69 -38.29 -22.12 -9.19
CA ALA B 69 -39.13 -21.68 -10.30
C ALA B 69 -38.37 -21.80 -11.62
N GLY B 70 -37.08 -22.09 -11.54
CA GLY B 70 -36.27 -22.38 -12.71
C GLY B 70 -36.01 -21.22 -13.66
N ARG B 71 -35.42 -20.15 -13.15
CA ARG B 71 -34.97 -19.03 -13.98
C ARG B 71 -33.52 -18.72 -13.64
N LEU B 72 -33.00 -19.44 -12.64
CA LEU B 72 -31.71 -19.13 -12.05
C LEU B 72 -30.79 -20.35 -12.04
N SER B 73 -29.61 -20.20 -12.65
CA SER B 73 -28.69 -21.32 -12.82
C SER B 73 -27.25 -20.96 -12.46
N PHE B 74 -26.47 -21.98 -12.08
CA PHE B 74 -25.08 -21.78 -11.68
C PHE B 74 -24.13 -22.70 -12.44
N THR B 75 -22.93 -22.20 -12.69
CA THR B 75 -21.90 -22.95 -13.41
C THR B 75 -20.52 -22.39 -13.11
N THR B 76 -19.50 -22.99 -13.71
CA THR B 76 -18.16 -22.46 -13.68
C THR B 76 -17.66 -22.51 -15.12
N ASP B 77 -18.34 -23.30 -15.93
CA ASP B 77 -18.20 -23.22 -17.38
C ASP B 77 -18.72 -21.85 -17.79
N LEU B 78 -17.90 -21.08 -18.49
CA LEU B 78 -18.33 -19.78 -18.95
C LEU B 78 -19.34 -19.97 -20.05
N ALA B 79 -18.89 -20.63 -21.12
CA ALA B 79 -19.63 -20.78 -22.38
C ALA B 79 -21.06 -21.32 -22.27
N GLU B 80 -21.34 -22.12 -21.23
CA GLU B 80 -22.71 -22.61 -21.03
C GLU B 80 -23.64 -21.43 -20.81
N GLY B 81 -23.14 -20.43 -20.10
CA GLY B 81 -23.91 -19.22 -19.84
C GLY B 81 -23.99 -18.33 -21.06
N VAL B 82 -22.86 -18.15 -21.74
CA VAL B 82 -22.79 -17.29 -22.92
C VAL B 82 -23.45 -17.93 -24.13
N LYS B 83 -23.95 -19.15 -23.97
CA LYS B 83 -24.72 -19.82 -25.03
C LYS B 83 -26.00 -19.04 -25.30
N ASP B 84 -26.01 -18.27 -26.39
CA ASP B 84 -27.21 -17.53 -26.81
C ASP B 84 -27.79 -16.55 -25.78
N ALA B 85 -26.94 -16.01 -24.91
CA ALA B 85 -27.42 -15.04 -23.92
C ALA B 85 -27.79 -13.72 -24.59
N ASP B 86 -28.93 -13.14 -24.21
CA ASP B 86 -29.36 -11.86 -24.77
C ASP B 86 -28.40 -10.75 -24.37
N ALA B 87 -28.03 -10.72 -23.09
CA ALA B 87 -27.09 -9.74 -22.58
C ALA B 87 -26.14 -10.37 -21.56
N VAL B 88 -24.87 -9.98 -21.60
CA VAL B 88 -23.87 -10.58 -20.72
C VAL B 88 -23.28 -9.55 -19.75
N PHE B 89 -23.45 -9.81 -18.45
CA PHE B 89 -22.99 -8.89 -17.42
C PHE B 89 -21.62 -9.30 -16.84
N ILE B 90 -20.77 -8.30 -16.62
CA ILE B 90 -19.46 -8.53 -16.02
C ILE B 90 -19.43 -7.96 -14.60
N ALA B 91 -19.41 -8.86 -13.61
CA ALA B 91 -19.45 -8.46 -12.21
C ALA B 91 -18.20 -8.88 -11.45
N VAL B 92 -17.11 -9.10 -12.19
CA VAL B 92 -15.85 -9.54 -11.58
C VAL B 92 -15.23 -8.45 -10.73
N GLY B 93 -14.20 -8.82 -9.96
CA GLY B 93 -13.53 -7.88 -9.10
C GLY B 93 -12.67 -6.87 -9.84
N THR B 94 -12.61 -5.67 -9.28
CA THR B 94 -11.64 -4.67 -9.73
C THR B 94 -10.93 -4.13 -8.49
N PRO B 95 -10.07 -4.97 -7.89
CA PRO B 95 -9.38 -4.54 -6.66
C PRO B 95 -8.27 -3.58 -7.00
N SER B 96 -7.67 -2.99 -5.97
CA SER B 96 -6.54 -2.10 -6.16
C SER B 96 -5.34 -2.90 -6.63
N ARG B 97 -4.62 -2.36 -7.62
CA ARG B 97 -3.41 -3.02 -8.09
C ARG B 97 -2.39 -2.89 -6.96
N ARG B 98 -1.85 -4.02 -6.50
CA ARG B 98 -0.79 -3.96 -5.52
C ARG B 98 0.37 -3.22 -6.16
N GLY B 99 0.98 -2.30 -5.41
CA GLY B 99 1.94 -1.37 -5.99
C GLY B 99 1.37 0.03 -6.00
N ASP B 100 0.99 0.52 -7.17
CA ASP B 100 0.50 1.89 -7.36
C ASP B 100 -0.79 2.23 -6.61
N GLY B 101 -1.85 1.47 -6.87
CA GLY B 101 -3.16 1.75 -6.29
C GLY B 101 -4.24 1.75 -7.36
N HIS B 102 -3.80 1.71 -8.61
CA HIS B 102 -4.71 1.75 -9.75
C HIS B 102 -5.62 0.51 -9.82
N ALA B 103 -6.56 0.52 -10.76
CA ALA B 103 -7.56 -0.53 -10.87
C ALA B 103 -7.08 -1.77 -11.63
N ASP B 104 -7.02 -2.89 -10.93
CA ASP B 104 -6.61 -4.16 -11.54
C ASP B 104 -7.67 -4.65 -12.54
N LEU B 105 -7.58 -4.18 -13.78
CA LEU B 105 -8.56 -4.50 -14.81
C LEU B 105 -8.28 -5.81 -15.54
N SER B 106 -7.33 -6.60 -15.01
CA SER B 106 -6.97 -7.87 -15.62
C SER B 106 -8.11 -8.88 -15.61
N TYR B 107 -8.78 -9.02 -14.46
CA TYR B 107 -9.91 -9.94 -14.31
C TYR B 107 -11.01 -9.64 -15.32
N VAL B 108 -11.29 -8.36 -15.53
CA VAL B 108 -12.23 -7.93 -16.55
C VAL B 108 -11.71 -8.34 -17.92
N PHE B 109 -10.53 -7.83 -18.24
CA PHE B 109 -9.88 -8.10 -19.53
C PHE B 109 -9.67 -9.58 -19.79
N ALA B 110 -9.55 -10.38 -18.74
CA ALA B 110 -9.54 -11.82 -18.91
C ALA B 110 -10.94 -12.25 -19.33
N ALA B 111 -11.93 -11.93 -18.49
CA ALA B 111 -13.32 -12.31 -18.69
C ALA B 111 -13.95 -11.79 -19.99
N ALA B 112 -13.72 -10.53 -20.32
CA ALA B 112 -14.30 -9.94 -21.53
C ALA B 112 -13.81 -10.67 -22.77
N ARG B 113 -12.56 -11.13 -22.71
CA ARG B 113 -11.96 -11.89 -23.80
C ARG B 113 -12.60 -13.28 -23.90
N GLU B 114 -12.62 -13.98 -22.77
CA GLU B 114 -13.20 -15.32 -22.71
C GLU B 114 -14.68 -15.34 -23.10
N ILE B 115 -15.35 -14.20 -22.95
CA ILE B 115 -16.70 -14.04 -23.48
C ILE B 115 -16.65 -14.02 -24.99
N ALA B 116 -15.86 -13.08 -25.51
CA ALA B 116 -15.81 -12.74 -26.93
C ALA B 116 -15.63 -13.94 -27.87
N GLU B 117 -14.98 -14.99 -27.41
CA GLU B 117 -14.79 -16.18 -28.24
C GLU B 117 -16.02 -17.10 -28.19
N ASN B 118 -16.48 -17.37 -26.97
CA ASN B 118 -17.61 -18.27 -26.72
C ASN B 118 -18.95 -17.56 -26.97
N LEU B 119 -19.11 -17.03 -28.18
CA LEU B 119 -20.14 -16.02 -28.47
C LEU B 119 -21.02 -16.37 -29.67
N THR B 120 -22.24 -16.84 -29.41
CA THR B 120 -23.15 -17.21 -30.49
C THR B 120 -23.77 -15.98 -31.16
N LYS B 121 -24.74 -15.38 -30.49
CA LYS B 121 -25.53 -14.29 -31.06
C LYS B 121 -24.91 -12.92 -30.80
N PRO B 122 -25.33 -11.91 -31.58
CA PRO B 122 -25.09 -10.51 -31.21
C PRO B 122 -25.67 -10.24 -29.83
N SER B 123 -24.90 -10.55 -28.80
CA SER B 123 -25.33 -10.33 -27.43
C SER B 123 -25.08 -8.86 -27.06
N VAL B 124 -25.32 -8.52 -25.80
CA VAL B 124 -25.06 -7.17 -25.33
C VAL B 124 -24.17 -7.21 -24.08
N ILE B 125 -22.99 -6.62 -24.17
CA ILE B 125 -22.00 -6.70 -23.11
C ILE B 125 -22.13 -5.57 -22.09
N VAL B 126 -22.37 -5.92 -20.84
CA VAL B 126 -22.58 -4.92 -19.79
C VAL B 126 -21.52 -4.96 -18.69
N THR B 127 -20.61 -3.99 -18.70
CA THR B 127 -19.71 -3.80 -17.58
C THR B 127 -20.54 -3.31 -16.40
N LYS B 128 -20.60 -4.12 -15.34
CA LYS B 128 -21.31 -3.72 -14.14
C LYS B 128 -20.29 -3.45 -13.05
N SER B 129 -19.10 -4.00 -13.24
CA SER B 129 -18.00 -3.79 -12.30
C SER B 129 -17.60 -2.32 -12.26
N THR B 130 -17.31 -1.84 -11.06
CA THR B 130 -16.87 -0.46 -10.89
C THR B 130 -15.51 -0.29 -11.56
N VAL B 131 -15.52 0.17 -12.81
CA VAL B 131 -14.30 0.32 -13.58
C VAL B 131 -13.98 1.76 -13.88
N PRO B 132 -12.69 2.06 -14.12
CA PRO B 132 -12.36 3.37 -14.69
C PRO B 132 -12.90 3.55 -16.11
N VAL B 133 -12.55 4.67 -16.72
CA VAL B 133 -13.34 5.25 -17.81
C VAL B 133 -12.70 5.11 -19.20
N GLY B 134 -13.47 4.59 -20.15
CA GLY B 134 -12.95 4.27 -21.47
C GLY B 134 -12.56 2.81 -21.47
N THR B 135 -12.92 2.13 -20.39
CA THR B 135 -12.75 0.70 -20.29
C THR B 135 -13.69 0.09 -21.31
N GLY B 136 -14.92 0.60 -21.31
CA GLY B 136 -15.92 0.18 -22.27
C GLY B 136 -15.51 0.46 -23.70
N ASP B 137 -14.60 1.42 -23.88
CA ASP B 137 -14.02 1.70 -25.19
C ASP B 137 -12.95 0.65 -25.50
N GLU B 138 -12.19 0.29 -24.48
CA GLU B 138 -11.11 -0.67 -24.62
C GLU B 138 -11.64 -2.08 -24.85
N VAL B 139 -12.77 -2.41 -24.22
CA VAL B 139 -13.44 -3.68 -24.47
C VAL B 139 -13.94 -3.70 -25.90
N GLU B 140 -14.48 -2.56 -26.34
CA GLU B 140 -15.02 -2.42 -27.69
C GLU B 140 -13.96 -2.71 -28.75
N ARG B 141 -12.69 -2.57 -28.39
CA ARG B 141 -11.60 -2.99 -29.27
C ARG B 141 -11.47 -4.50 -29.23
N ILE B 142 -11.40 -5.03 -28.01
CA ILE B 142 -11.23 -6.46 -27.80
C ILE B 142 -12.34 -7.29 -28.46
N ILE B 143 -13.58 -6.82 -28.38
CA ILE B 143 -14.68 -7.46 -29.08
C ILE B 143 -14.38 -7.48 -30.58
N ALA B 144 -14.05 -6.31 -31.10
CA ALA B 144 -13.71 -6.16 -32.51
C ALA B 144 -12.44 -6.94 -32.88
N GLU B 145 -11.54 -7.08 -31.92
CA GLU B 145 -10.34 -7.87 -32.13
C GLU B 145 -10.67 -9.35 -32.29
N VAL B 146 -11.53 -9.85 -31.40
CA VAL B 146 -11.85 -11.27 -31.33
C VAL B 146 -13.03 -11.68 -32.21
N ALA B 147 -14.18 -11.06 -31.97
CA ALA B 147 -15.40 -11.39 -32.69
C ALA B 147 -15.97 -10.17 -33.43
N PRO B 148 -15.32 -9.79 -34.54
CA PRO B 148 -15.57 -8.54 -35.26
C PRO B 148 -16.98 -8.44 -35.84
N ASN B 149 -17.38 -9.43 -36.63
CA ASN B 149 -18.67 -9.43 -37.29
C ASN B 149 -19.81 -10.02 -36.44
N SER B 150 -19.55 -10.24 -35.15
CA SER B 150 -20.54 -10.86 -34.27
C SER B 150 -21.67 -9.94 -33.81
N GLY B 151 -21.69 -8.72 -34.33
CA GLY B 151 -22.78 -7.78 -34.09
C GLY B 151 -23.00 -7.31 -32.64
N ALA B 152 -22.04 -7.58 -31.76
CA ALA B 152 -22.20 -7.25 -30.34
C ALA B 152 -21.97 -5.77 -29.98
N LYS B 153 -22.67 -5.32 -28.92
CA LYS B 153 -22.54 -3.96 -28.42
C LYS B 153 -22.07 -3.95 -26.96
N VAL B 154 -21.36 -2.89 -26.56
CA VAL B 154 -20.72 -2.83 -25.25
C VAL B 154 -21.26 -1.68 -24.39
N VAL B 155 -21.77 -2.01 -23.22
CA VAL B 155 -22.38 -1.00 -22.33
C VAL B 155 -21.73 -0.99 -20.95
N SER B 156 -21.92 0.12 -20.25
CA SER B 156 -21.65 0.19 -18.84
C SER B 156 -22.97 0.44 -18.11
N ASN B 157 -23.32 -0.46 -17.21
CA ASN B 157 -24.35 -0.18 -16.23
C ASN B 157 -23.80 -0.50 -14.86
N PRO B 158 -23.28 0.53 -14.18
CA PRO B 158 -22.68 0.35 -12.87
C PRO B 158 -23.74 0.05 -11.81
N GLU B 159 -23.31 -0.34 -10.61
CA GLU B 159 -24.25 -0.71 -9.56
C GLU B 159 -23.98 0.05 -8.26
N PHE B 160 -25.04 0.35 -7.51
CA PHE B 160 -24.97 1.34 -6.44
C PHE B 160 -25.41 0.84 -5.07
N LEU B 161 -25.62 -0.46 -4.95
CA LEU B 161 -26.16 -1.04 -3.71
C LEU B 161 -25.20 -0.95 -2.53
N ARG B 162 -25.77 -0.72 -1.35
CA ARG B 162 -25.03 -0.82 -0.10
C ARG B 162 -25.10 -2.26 0.36
N GLU B 163 -23.97 -2.82 0.76
CA GLU B 163 -23.99 -4.16 1.34
C GLU B 163 -24.75 -4.06 2.67
N GLY B 164 -25.71 -4.96 2.88
CA GLY B 164 -26.55 -4.92 4.07
C GLY B 164 -27.94 -4.37 3.77
N ALA B 165 -28.16 -4.02 2.50
CA ALA B 165 -29.43 -3.48 2.04
C ALA B 165 -29.54 -3.71 0.53
N ALA B 166 -28.69 -4.59 0.01
CA ALA B 166 -28.54 -4.82 -1.43
C ALA B 166 -29.83 -5.09 -2.21
N ILE B 167 -30.73 -5.89 -1.66
CA ILE B 167 -31.96 -6.24 -2.36
C ILE B 167 -32.84 -5.01 -2.51
N GLU B 168 -33.11 -4.36 -1.39
CA GLU B 168 -33.95 -3.17 -1.35
C GLU B 168 -33.34 -2.03 -2.15
N ASP B 169 -32.02 -1.93 -2.12
CA ASP B 169 -31.31 -0.95 -2.94
C ASP B 169 -31.52 -1.25 -4.42
N PHE B 170 -31.45 -2.53 -4.78
CA PHE B 170 -31.63 -2.96 -6.15
C PHE B 170 -33.10 -2.88 -6.55
N LYS B 171 -33.98 -3.38 -5.69
CA LYS B 171 -35.42 -3.36 -5.96
C LYS B 171 -35.97 -1.95 -6.03
N ARG B 172 -35.59 -1.10 -5.09
CA ARG B 172 -35.95 0.31 -5.19
C ARG B 172 -34.72 1.16 -5.38
N PRO B 173 -34.34 1.40 -6.64
CA PRO B 173 -33.21 2.30 -6.90
C PRO B 173 -33.62 3.76 -6.81
N ASP B 174 -32.72 4.62 -6.32
CA ASP B 174 -32.88 6.04 -6.55
C ASP B 174 -32.86 6.18 -8.06
N ARG B 175 -31.85 5.58 -8.67
CA ARG B 175 -31.70 5.58 -10.12
C ARG B 175 -30.86 4.40 -10.61
N VAL B 176 -30.91 4.18 -11.93
CA VAL B 176 -30.03 3.23 -12.59
C VAL B 176 -29.43 3.86 -13.85
N VAL B 177 -28.17 3.53 -14.14
CA VAL B 177 -27.39 4.25 -15.15
C VAL B 177 -27.00 3.34 -16.33
N VAL B 178 -27.20 3.84 -17.55
CA VAL B 178 -26.81 3.11 -18.75
C VAL B 178 -26.05 4.00 -19.73
N GLY B 179 -24.86 3.54 -20.15
CA GLY B 179 -24.01 4.32 -21.02
C GLY B 179 -23.70 3.70 -22.38
N THR B 180 -24.48 4.07 -23.38
CA THR B 180 -24.16 3.79 -24.78
C THR B 180 -24.84 4.83 -25.67
N GLU B 181 -24.61 4.73 -26.98
CA GLU B 181 -25.20 5.67 -27.94
C GLU B 181 -25.95 4.90 -29.01
N ASP B 182 -25.80 3.58 -29.00
CA ASP B 182 -26.50 2.73 -29.97
C ASP B 182 -27.88 2.32 -29.47
N GLU B 183 -28.91 2.88 -30.11
CA GLU B 183 -30.30 2.76 -29.68
C GLU B 183 -30.80 1.31 -29.58
N PHE B 184 -30.15 0.40 -30.28
CA PHE B 184 -30.49 -1.02 -30.19
C PHE B 184 -30.29 -1.49 -28.76
N ALA B 185 -29.05 -1.40 -28.30
CA ALA B 185 -28.69 -1.75 -26.93
C ALA B 185 -29.48 -0.93 -25.91
N ARG B 186 -29.82 0.30 -26.25
CA ARG B 186 -30.65 1.12 -25.38
C ARG B 186 -32.01 0.48 -25.18
N GLN B 187 -32.60 0.02 -26.28
CA GLN B 187 -33.92 -0.64 -26.23
C GLN B 187 -33.84 -1.97 -25.50
N VAL B 188 -32.67 -2.61 -25.50
CA VAL B 188 -32.49 -3.89 -24.82
C VAL B 188 -32.46 -3.70 -23.31
N ARG B 190 -33.49 -1.32 -21.73
CA ARG B 190 -34.81 -0.86 -21.37
C ARG B 190 -35.66 -2.08 -21.08
N GLU B 191 -35.71 -2.98 -22.06
CA GLU B 191 -36.50 -4.20 -22.00
C GLU B 191 -36.10 -5.09 -20.83
N ILE B 192 -34.86 -4.95 -20.36
CA ILE B 192 -34.40 -5.67 -19.20
C ILE B 192 -35.04 -5.08 -17.95
N TYR B 193 -34.73 -3.81 -17.71
CA TYR B 193 -35.13 -3.10 -16.50
C TYR B 193 -36.58 -2.64 -16.46
N ARG B 194 -37.36 -2.97 -17.49
CA ARG B 194 -38.74 -2.48 -17.58
C ARG B 194 -39.62 -2.83 -16.36
N PRO B 195 -39.48 -4.05 -15.80
CA PRO B 195 -40.19 -4.25 -14.52
C PRO B 195 -39.60 -3.51 -13.31
N LEU B 196 -39.95 -2.23 -13.18
CA LEU B 196 -39.66 -1.43 -12.00
C LEU B 196 -40.86 -0.52 -11.90
N SER B 197 -41.01 0.34 -12.90
CA SER B 197 -42.25 1.05 -13.16
C SER B 197 -43.43 0.09 -13.24
N LEU B 198 -44.09 -0.07 -12.09
CA LEU B 198 -45.17 -1.05 -11.91
C LEU B 198 -46.52 -0.54 -12.45
N SER B 201 -42.03 4.01 -11.83
CA SER B 201 -41.85 4.08 -10.39
C SER B 201 -40.39 4.40 -10.07
N ALA B 202 -39.50 3.93 -10.93
CA ALA B 202 -38.08 4.19 -10.78
C ALA B 202 -37.47 4.38 -12.17
N PRO B 203 -36.93 5.60 -12.48
CA PRO B 203 -36.39 5.93 -13.82
C PRO B 203 -35.01 5.34 -14.16
N VAL B 204 -34.73 5.26 -15.46
CA VAL B 204 -33.45 4.76 -15.95
C VAL B 204 -32.71 5.90 -16.66
N LEU B 205 -31.48 6.14 -16.23
CA LEU B 205 -30.69 7.25 -16.76
C LEU B 205 -29.81 6.82 -17.92
N PHE B 206 -30.02 7.44 -19.08
CA PHE B 206 -29.26 7.12 -20.27
C PHE B 206 -28.24 8.20 -20.63
N THR B 207 -26.99 7.96 -20.28
CA THR B 207 -25.90 8.85 -20.65
C THR B 207 -25.04 8.20 -21.72
N GLY B 208 -23.93 8.84 -22.06
CA GLY B 208 -22.93 8.22 -22.91
C GLY B 208 -22.14 7.21 -22.09
N ARG B 209 -21.26 6.47 -22.73
CA ARG B 209 -20.52 5.41 -22.06
C ARG B 209 -19.55 5.91 -20.99
N ARG B 210 -18.58 6.72 -21.38
CA ARG B 210 -17.56 7.21 -20.45
C ARG B 210 -18.14 8.04 -19.31
N THR B 211 -19.25 8.74 -19.59
CA THR B 211 -19.96 9.50 -18.57
C THR B 211 -20.48 8.56 -17.49
N SER B 212 -21.19 7.52 -17.93
CA SER B 212 -21.76 6.52 -17.03
C SER B 212 -20.69 5.78 -16.23
N GLU B 213 -19.51 5.62 -16.83
CA GLU B 213 -18.40 4.98 -16.14
C GLU B 213 -17.90 5.88 -15.01
N LEU B 214 -17.96 7.19 -15.27
CA LEU B 214 -17.45 8.19 -14.34
C LEU B 214 -18.34 8.37 -13.10
N ILE B 215 -19.65 8.22 -13.29
CA ILE B 215 -20.62 8.47 -12.22
C ILE B 215 -20.43 7.63 -10.96
N LYS B 216 -20.26 6.33 -11.12
CA LYS B 216 -20.09 5.43 -9.99
C LYS B 216 -18.92 5.84 -9.09
N TYR B 217 -17.83 6.25 -9.71
CA TYR B 217 -16.66 6.75 -9.00
C TYR B 217 -16.97 8.08 -8.32
N ALA B 218 -17.53 9.01 -9.08
CA ALA B 218 -17.86 10.35 -8.60
C ALA B 218 -18.78 10.32 -7.38
N ALA B 219 -19.77 9.45 -7.42
CA ALA B 219 -20.70 9.32 -6.29
C ALA B 219 -19.98 8.72 -5.08
N ASN B 220 -19.38 7.55 -5.27
CA ASN B 220 -18.63 6.88 -4.22
C ASN B 220 -17.51 7.74 -3.66
N ALA B 221 -16.98 8.65 -4.48
CA ALA B 221 -16.03 9.64 -3.98
C ALA B 221 -16.77 10.60 -3.08
N PHE B 222 -17.82 11.22 -3.62
CA PHE B 222 -18.60 12.25 -2.94
C PHE B 222 -19.18 11.85 -1.58
N LEU B 223 -19.59 10.59 -1.43
CA LEU B 223 -20.10 10.13 -0.15
C LEU B 223 -18.98 10.13 0.88
N ALA B 224 -17.83 9.61 0.47
CA ALA B 224 -16.65 9.57 1.33
C ALA B 224 -16.22 10.98 1.72
N VAL B 225 -16.44 11.94 0.83
CA VAL B 225 -16.16 13.34 1.15
C VAL B 225 -17.10 13.82 2.24
N LYS B 226 -18.39 13.54 2.07
CA LYS B 226 -19.41 13.90 3.05
C LYS B 226 -19.15 13.30 4.43
N ILE B 227 -18.77 12.02 4.45
CA ILE B 227 -18.48 11.33 5.71
C ILE B 227 -17.24 11.92 6.39
N THR B 228 -16.16 12.07 5.61
CA THR B 228 -14.89 12.53 6.15
C THR B 228 -14.96 14.02 6.52
N PHE B 229 -15.89 14.75 5.91
CA PHE B 229 -16.08 16.16 6.24
C PHE B 229 -16.57 16.31 7.67
N ILE B 230 -17.76 15.78 7.95
CA ILE B 230 -18.36 15.85 9.28
C ILE B 230 -17.48 15.19 10.33
N ASN B 231 -16.70 14.17 9.93
CA ASN B 231 -15.73 13.56 10.83
C ASN B 231 -14.69 14.57 11.27
N GLU B 232 -14.16 15.33 10.30
CA GLU B 232 -13.24 16.41 10.58
C GLU B 232 -13.91 17.48 11.46
N ILE B 233 -15.19 17.71 11.20
CA ILE B 233 -15.98 18.63 12.02
C ILE B 233 -16.13 18.07 13.42
N ALA B 234 -16.41 16.77 13.50
CA ALA B 234 -16.60 16.09 14.77
C ALA B 234 -15.38 16.19 15.67
N ASP B 235 -14.19 16.23 15.07
CA ASP B 235 -12.96 16.40 15.84
C ASP B 235 -12.95 17.79 16.47
N LEU B 236 -13.42 18.78 15.70
CA LEU B 236 -13.49 20.15 16.17
C LEU B 236 -14.56 20.32 17.24
N CYS B 237 -15.66 19.59 17.09
CA CYS B 237 -16.76 19.64 18.06
C CYS B 237 -16.30 19.18 19.44
N GLU B 238 -15.27 18.33 19.48
CA GLU B 238 -14.71 17.88 20.75
C GLU B 238 -13.97 19.00 21.46
N GLN B 239 -13.08 19.66 20.73
CA GLN B 239 -12.19 20.66 21.31
C GLN B 239 -12.85 21.99 21.66
N VAL B 240 -14.05 22.25 21.14
CA VAL B 240 -14.74 23.50 21.45
C VAL B 240 -16.06 23.22 22.17
N GLY B 241 -16.32 21.95 22.44
CA GLY B 241 -17.49 21.54 23.20
C GLY B 241 -18.81 21.72 22.47
N ALA B 242 -18.82 21.44 21.17
CA ALA B 242 -20.08 21.44 20.44
C ALA B 242 -20.73 20.06 20.57
N ASP B 243 -21.65 19.75 19.68
CA ASP B 243 -22.39 18.49 19.75
C ASP B 243 -22.77 18.07 18.33
N VAL B 244 -21.92 17.25 17.71
CA VAL B 244 -22.02 16.98 16.27
C VAL B 244 -23.35 16.36 15.78
N GLN B 245 -24.09 15.70 16.67
CA GLN B 245 -25.39 15.16 16.29
C GLN B 245 -26.36 16.30 15.97
N GLU B 246 -26.29 17.36 16.77
CA GLU B 246 -27.08 18.56 16.54
C GLU B 246 -26.58 19.29 15.31
N VAL B 247 -25.26 19.34 15.16
CA VAL B 247 -24.62 20.02 14.04
C VAL B 247 -24.98 19.36 12.71
N SER B 248 -24.90 18.03 12.67
CA SER B 248 -25.26 17.28 11.48
C SER B 248 -26.73 17.50 11.16
N ARG B 249 -27.54 17.61 12.20
CA ARG B 249 -28.95 17.94 12.04
C ARG B 249 -29.08 19.40 11.63
N GLY B 250 -28.20 20.23 12.17
CA GLY B 250 -28.18 21.66 11.88
C GLY B 250 -28.05 21.99 10.42
N ILE B 251 -27.20 21.25 9.71
CA ILE B 251 -27.05 21.42 8.26
C ILE B 251 -27.96 20.47 7.52
N GLY B 252 -28.42 19.43 8.23
CA GLY B 252 -29.18 18.36 7.62
C GLY B 252 -30.54 18.77 7.12
N ASP B 254 -31.19 21.33 5.52
CA ASP B 254 -31.04 21.97 4.22
C ASP B 254 -31.50 20.95 3.17
N ASN B 255 -32.06 21.43 2.08
CA ASN B 255 -32.53 20.53 1.03
C ASN B 255 -31.39 19.98 0.21
N ARG B 256 -30.21 20.58 0.38
CA ARG B 256 -29.00 20.07 -0.26
C ARG B 256 -28.21 19.12 0.62
N PHE B 261 -28.77 13.53 7.96
CA PHE B 261 -28.61 12.48 6.96
C PHE B 261 -27.15 12.09 6.81
N LEU B 262 -26.31 12.59 7.71
CA LEU B 262 -24.91 12.21 7.79
C LEU B 262 -24.50 12.11 9.25
N HIS B 263 -23.70 11.10 9.58
CA HIS B 263 -23.37 10.81 10.96
C HIS B 263 -21.86 10.63 11.13
N ALA B 264 -21.33 11.17 12.23
CA ALA B 264 -19.90 11.07 12.50
C ALA B 264 -19.47 9.63 12.66
N GLY B 265 -18.23 9.33 12.28
CA GLY B 265 -17.70 7.99 12.45
C GLY B 265 -16.19 7.93 12.62
N PRO B 266 -15.64 6.72 12.78
CA PRO B 266 -14.19 6.48 12.78
C PRO B 266 -13.68 6.31 11.36
N GLY B 267 -14.49 6.70 10.38
CA GLY B 267 -14.10 6.61 8.98
C GLY B 267 -14.94 5.67 8.16
N TYR B 268 -14.50 5.42 6.92
CA TYR B 268 -15.20 4.52 6.01
C TYR B 268 -14.28 3.41 5.52
N GLY B 269 -14.84 2.45 4.81
CA GLY B 269 -14.09 1.31 4.30
C GLY B 269 -14.97 0.47 3.41
N GLY B 270 -14.80 -0.85 3.47
CA GLY B 270 -15.60 -1.75 2.65
C GLY B 270 -14.88 -2.14 1.38
N SER B 271 -15.48 -3.08 0.65
CA SER B 271 -14.93 -3.53 -0.62
C SER B 271 -14.94 -2.43 -1.66
N CYS B 272 -15.99 -1.62 -1.65
CA CYS B 272 -16.23 -0.65 -2.70
C CYS B 272 -15.46 0.67 -2.52
N PHE B 273 -15.67 1.33 -1.39
CA PHE B 273 -15.21 2.71 -1.17
C PHE B 273 -13.73 3.08 -1.36
N PRO B 274 -12.86 2.71 -0.39
CA PRO B 274 -11.58 3.42 -0.24
C PRO B 274 -10.62 3.26 -1.41
N LYS B 275 -10.90 2.28 -2.27
CA LYS B 275 -10.07 2.03 -3.43
C LYS B 275 -10.61 2.79 -4.64
N ASP B 276 -11.92 2.88 -4.73
CA ASP B 276 -12.57 3.61 -5.83
C ASP B 276 -12.19 5.08 -5.78
N THR B 277 -11.99 5.59 -4.57
CA THR B 277 -11.39 6.91 -4.36
C THR B 277 -10.04 6.89 -5.05
N LEU B 278 -9.19 5.99 -4.58
CA LEU B 278 -7.80 5.87 -4.99
C LEU B 278 -7.61 5.66 -6.50
N ALA B 279 -8.50 4.89 -7.13
CA ALA B 279 -8.42 4.68 -8.57
C ALA B 279 -8.78 5.98 -9.29
N LEU B 280 -9.84 6.64 -8.82
CA LEU B 280 -10.27 7.92 -9.35
C LEU B 280 -9.18 8.98 -9.18
N LYS B 282 -6.10 8.32 -9.04
CA LYS B 282 -5.09 7.85 -9.98
C LYS B 282 -5.45 8.18 -11.42
N THR B 283 -6.68 7.84 -11.82
CA THR B 283 -7.12 8.05 -13.19
C THR B 283 -7.13 9.54 -13.53
N ALA B 284 -7.35 10.37 -12.52
CA ALA B 284 -7.29 11.81 -12.70
C ALA B 284 -5.85 12.23 -12.96
N ALA B 285 -4.92 11.60 -12.25
CA ALA B 285 -3.50 11.89 -12.37
C ALA B 285 -2.95 11.53 -13.75
N ASP B 286 -3.33 10.36 -14.26
CA ASP B 286 -2.92 9.96 -15.60
C ASP B 286 -3.53 10.89 -16.62
N ASN B 287 -4.76 11.32 -16.38
CA ASN B 287 -5.39 12.29 -17.25
C ASN B 287 -5.09 13.72 -16.79
N GLU B 288 -4.04 13.86 -16.00
CA GLU B 288 -3.38 15.14 -15.76
C GLU B 288 -4.19 16.24 -15.06
N THR B 289 -5.23 15.85 -14.35
CA THR B 289 -5.91 16.81 -13.48
C THR B 289 -5.77 16.36 -12.03
N PRO B 290 -5.58 17.32 -11.12
CA PRO B 290 -5.61 16.98 -9.70
C PRO B 290 -7.04 16.83 -9.22
N LEU B 291 -7.23 16.06 -8.16
CA LEU B 291 -8.51 15.99 -7.47
C LEU B 291 -8.26 16.20 -5.98
N ARG B 292 -7.89 17.43 -5.65
CA ARG B 292 -7.39 17.82 -4.33
C ARG B 292 -8.31 17.47 -3.15
N ILE B 293 -9.62 17.60 -3.34
CA ILE B 293 -10.57 17.34 -2.26
C ILE B 293 -10.58 15.87 -1.88
N VAL B 294 -10.66 15.01 -2.88
CA VAL B 294 -10.61 13.57 -2.67
C VAL B 294 -9.19 13.15 -2.31
N GLU B 295 -8.22 13.95 -2.75
CA GLU B 295 -6.82 13.72 -2.43
C GLU B 295 -6.60 13.96 -0.94
N ALA B 296 -7.35 14.91 -0.39
CA ALA B 296 -7.33 15.20 1.04
C ALA B 296 -8.13 14.15 1.79
N THR B 297 -9.24 13.73 1.19
CA THR B 297 -10.24 12.87 1.83
C THR B 297 -9.71 11.53 2.38
N VAL B 298 -8.94 10.80 1.58
CA VAL B 298 -8.33 9.55 2.06
C VAL B 298 -7.25 9.85 3.08
N GLN B 299 -6.46 10.89 2.79
CA GLN B 299 -5.35 11.29 3.66
C GLN B 299 -5.78 11.58 5.08
N VAL B 300 -7.01 12.07 5.25
CA VAL B 300 -7.58 12.22 6.59
C VAL B 300 -8.00 10.85 7.08
N ASN B 301 -8.79 10.19 6.25
CA ASN B 301 -9.43 8.92 6.59
C ASN B 301 -8.47 7.80 7.04
N ASP B 302 -7.34 7.66 6.36
CA ASP B 302 -6.35 6.67 6.77
C ASP B 302 -5.81 7.04 8.14
N ALA B 303 -5.53 8.33 8.31
CA ALA B 303 -4.99 8.86 9.56
C ALA B 303 -6.04 8.88 10.66
N ARG B 304 -7.31 8.94 10.27
CA ARG B 304 -8.41 9.05 11.23
C ARG B 304 -8.64 7.81 12.10
N LYS B 305 -8.94 6.68 11.46
CA LYS B 305 -9.24 5.44 12.18
C LYS B 305 -8.10 4.99 13.10
N ARG B 306 -6.87 5.29 12.70
CA ARG B 306 -5.70 5.06 13.55
C ARG B 306 -5.81 5.92 14.79
N ALA B 307 -6.10 7.20 14.58
CA ALA B 307 -6.23 8.18 15.65
C ALA B 307 -7.41 7.88 16.57
N GLY B 309 -8.01 5.07 17.51
CA GLY B 309 -7.36 4.16 18.44
C GLY B 309 -6.67 4.94 19.54
N ARG B 310 -6.04 6.06 19.17
CA ARG B 310 -5.37 6.91 20.13
C ARG B 310 -6.37 7.64 21.02
N LYS B 311 -7.59 7.79 20.52
CA LYS B 311 -8.67 8.37 21.30
C LYS B 311 -8.99 7.48 22.48
N VAL B 312 -8.96 6.17 22.23
CA VAL B 312 -9.21 5.17 23.25
C VAL B 312 -8.13 5.23 24.33
N ILE B 313 -6.87 5.29 23.90
CA ILE B 313 -5.72 5.32 24.81
C ILE B 313 -5.78 6.54 25.73
N LYS B 314 -6.15 7.68 25.16
CA LYS B 314 -6.32 8.92 25.91
C LYS B 314 -7.42 8.73 26.94
N ALA B 315 -8.50 8.07 26.54
CA ALA B 315 -9.60 7.76 27.43
C ALA B 315 -9.17 6.75 28.48
N GLY B 317 -6.48 6.65 30.01
CA GLY B 317 -5.40 7.24 30.78
C GLY B 317 -4.16 7.64 30.01
N GLY B 318 -3.75 6.81 29.04
CA GLY B 318 -2.55 7.08 28.27
C GLY B 318 -1.59 5.90 28.20
N ASP B 319 -1.59 5.07 29.25
CA ASP B 319 -0.71 3.91 29.30
C ASP B 319 -1.53 2.63 29.13
N VAL B 320 -1.45 2.03 27.96
CA VAL B 320 -2.21 0.82 27.67
C VAL B 320 -1.28 -0.36 27.41
N ARG B 321 -0.05 -0.27 27.93
CA ARG B 321 0.86 -1.44 27.91
C ARG B 321 0.26 -2.51 28.81
N GLY B 322 0.04 -3.71 28.25
CA GLY B 322 -0.40 -4.84 29.04
C GLY B 322 -1.84 -4.84 29.55
N LYS B 323 -2.64 -3.86 29.16
CA LYS B 323 -4.05 -3.85 29.57
C LYS B 323 -4.91 -4.68 28.62
N THR B 324 -6.23 -4.62 28.80
CA THR B 324 -7.12 -5.50 28.05
C THR B 324 -8.34 -4.73 27.52
N VAL B 325 -8.62 -4.90 26.24
CA VAL B 325 -9.61 -4.05 25.56
C VAL B 325 -10.70 -4.84 24.84
N GLY B 326 -11.95 -4.52 25.14
CA GLY B 326 -13.08 -5.13 24.46
C GLY B 326 -13.49 -4.36 23.22
N ILE B 327 -13.86 -5.07 22.17
CA ILE B 327 -14.34 -4.44 20.95
C ILE B 327 -15.73 -4.96 20.60
N LEU B 328 -16.65 -4.03 20.32
CA LEU B 328 -17.95 -4.41 19.79
C LEU B 328 -18.00 -4.01 18.31
N GLY B 329 -18.35 -4.97 17.46
CA GLY B 329 -18.37 -4.73 16.02
C GLY B 329 -16.98 -4.85 15.41
N LEU B 330 -16.92 -5.33 14.17
CA LEU B 330 -15.64 -5.53 13.50
C LEU B 330 -15.66 -5.07 12.05
N THR B 331 -16.77 -5.32 11.37
CA THR B 331 -16.88 -4.94 9.96
C THR B 331 -16.96 -3.43 9.81
N PHE B 332 -17.00 -2.97 8.56
CA PHE B 332 -17.11 -1.55 8.26
C PHE B 332 -18.57 -1.14 8.26
N LYS B 333 -19.43 -2.08 8.62
CA LYS B 333 -20.83 -1.97 8.25
C LYS B 333 -21.62 -3.09 8.92
N PRO B 334 -22.77 -2.77 9.52
CA PRO B 334 -23.62 -3.83 10.05
C PRO B 334 -24.31 -4.59 8.92
N ASN B 335 -24.83 -5.78 9.24
CA ASN B 335 -25.62 -6.59 8.32
C ASN B 335 -24.89 -7.10 7.06
N THR B 336 -23.58 -7.32 7.20
CA THR B 336 -22.82 -8.18 6.29
C THR B 336 -21.55 -8.64 6.98
N ASP B 337 -20.73 -9.39 6.25
CA ASP B 337 -19.54 -10.01 6.82
C ASP B 337 -18.29 -9.40 6.21
N ASP B 338 -18.49 -8.46 5.28
CA ASP B 338 -17.40 -7.89 4.51
C ASP B 338 -16.41 -7.08 5.36
N ARG B 340 -13.42 -6.60 4.54
CA ARG B 340 -12.45 -6.05 3.59
C ARG B 340 -12.29 -4.54 3.74
N ASP B 341 -11.12 -4.13 4.23
CA ASP B 341 -10.86 -2.74 4.60
C ASP B 341 -11.89 -2.23 5.59
N ALA B 342 -11.93 -2.85 6.76
CA ALA B 342 -12.73 -2.34 7.87
C ALA B 342 -11.91 -1.22 8.50
N PRO B 343 -12.58 -0.31 9.23
CA PRO B 343 -11.82 0.61 10.08
C PRO B 343 -11.14 -0.18 11.19
N SER B 344 -11.87 -1.10 11.80
CA SER B 344 -11.46 -1.81 13.00
C SER B 344 -10.04 -2.41 13.02
N LEU B 345 -9.58 -2.93 11.89
CA LEU B 345 -8.24 -3.54 11.81
C LEU B 345 -7.18 -2.52 12.20
N SER B 346 -7.33 -1.30 11.69
CA SER B 346 -6.43 -0.20 11.99
C SER B 346 -6.54 0.21 13.44
N ILE B 347 -7.75 0.13 13.98
CA ILE B 347 -8.00 0.47 15.37
C ILE B 347 -7.38 -0.56 16.29
N ILE B 348 -7.49 -1.84 15.92
CA ILE B 348 -6.87 -2.93 16.67
C ILE B 348 -5.36 -2.81 16.64
N ALA B 349 -4.81 -2.78 15.44
CA ALA B 349 -3.36 -2.71 15.23
C ALA B 349 -2.72 -1.52 15.95
N ALA B 350 -3.49 -0.46 16.16
CA ALA B 350 -2.98 0.68 16.91
C ALA B 350 -2.81 0.26 18.37
N LEU B 351 -3.85 -0.34 18.92
CA LEU B 351 -3.86 -0.81 20.31
C LEU B 351 -2.82 -1.90 20.57
N GLN B 352 -2.58 -2.76 19.58
CA GLN B 352 -1.56 -3.80 19.72
C GLN B 352 -0.19 -3.17 19.76
N ASP B 353 -0.01 -2.11 18.98
CA ASP B 353 1.27 -1.41 18.89
C ASP B 353 1.65 -0.69 20.19
N ALA B 354 0.67 -0.49 21.06
CA ALA B 354 0.95 0.04 22.39
C ALA B 354 0.78 -1.08 23.42
N GLY B 355 0.98 -2.32 22.96
CA GLY B 355 0.97 -3.50 23.80
C GLY B 355 -0.31 -3.79 24.57
N ALA B 356 -1.37 -4.16 23.87
CA ALA B 356 -2.59 -4.56 24.56
C ALA B 356 -3.27 -5.79 23.95
N THR B 357 -4.50 -6.05 24.41
CA THR B 357 -5.11 -7.36 24.22
C THR B 357 -6.60 -7.22 23.95
N VAL B 358 -7.12 -8.04 23.04
CA VAL B 358 -8.28 -7.63 22.26
C VAL B 358 -9.42 -8.64 22.14
N LYS B 359 -10.40 -8.55 23.05
CA LYS B 359 -11.64 -9.29 22.85
C LYS B 359 -12.40 -8.63 21.71
N ALA B 360 -13.11 -9.42 20.93
CA ALA B 360 -13.83 -8.86 19.79
C ALA B 360 -15.06 -9.70 19.45
N TYR B 361 -16.22 -9.05 19.43
CA TYR B 361 -17.42 -9.72 18.96
C TYR B 361 -17.94 -9.12 17.67
N ASP B 362 -18.23 -10.00 16.72
CA ASP B 362 -19.06 -9.64 15.58
C ASP B 362 -20.01 -10.81 15.33
N PRO B 363 -21.30 -10.51 15.14
CA PRO B 363 -22.33 -11.52 14.89
C PRO B 363 -21.97 -12.42 13.72
N GLU B 364 -21.48 -11.84 12.62
CA GLU B 364 -21.29 -12.56 11.37
C GLU B 364 -19.99 -12.26 10.63
N GLY B 365 -19.09 -11.48 11.23
CA GLY B 365 -17.84 -11.14 10.56
C GLY B 365 -16.70 -12.12 10.78
N VAL B 366 -16.64 -12.72 11.97
CA VAL B 366 -15.48 -13.51 12.43
C VAL B 366 -14.66 -14.40 11.46
N GLU B 367 -15.25 -15.43 10.87
CA GLU B 367 -14.47 -16.37 10.05
C GLU B 367 -13.81 -15.71 8.83
N GLN B 368 -14.31 -14.53 8.46
CA GLN B 368 -13.68 -13.75 7.41
C GLN B 368 -12.66 -12.79 8.04
N ALA B 369 -12.99 -12.30 9.23
CA ALA B 369 -12.14 -11.38 9.97
C ALA B 369 -10.83 -12.03 10.45
N SER B 370 -10.89 -13.33 10.72
CA SER B 370 -9.74 -14.06 11.26
C SER B 370 -8.53 -14.09 10.31
N LYS B 371 -8.79 -14.02 9.01
CA LYS B 371 -7.73 -14.12 8.01
C LYS B 371 -6.99 -12.80 7.82
N LEU B 373 -6.47 -10.82 10.62
CA LEU B 373 -6.17 -10.41 11.99
C LEU B 373 -5.23 -11.32 12.76
N THR B 374 -4.14 -10.75 13.27
CA THR B 374 -3.23 -11.48 14.14
C THR B 374 -3.71 -11.36 15.58
N ASP B 375 -3.53 -12.41 16.35
CA ASP B 375 -3.51 -12.30 17.81
C ASP B 375 -4.78 -11.68 18.40
N VAL B 376 -5.94 -12.33 18.19
CA VAL B 376 -7.20 -11.70 18.57
C VAL B 376 -8.23 -12.69 19.13
N GLU B 377 -8.50 -12.63 20.42
CA GLU B 377 -9.47 -13.55 21.01
C GLU B 377 -10.89 -13.13 20.66
N PHE B 378 -11.48 -13.83 19.70
CA PHE B 378 -12.88 -13.61 19.36
C PHE B 378 -13.72 -14.29 20.43
N VAL B 379 -14.99 -13.91 20.52
CA VAL B 379 -15.89 -14.51 21.49
C VAL B 379 -17.19 -14.96 20.84
N GLU B 380 -18.20 -15.21 21.67
CA GLU B 380 -19.48 -15.71 21.18
C GLU B 380 -20.56 -14.67 21.43
N ASN B 381 -20.21 -13.63 22.18
CA ASN B 381 -21.21 -12.80 22.83
C ASN B 381 -20.67 -11.42 23.23
N PRO B 382 -21.45 -10.37 22.96
CA PRO B 382 -21.01 -8.98 23.18
C PRO B 382 -20.74 -8.67 24.65
N TYR B 383 -21.52 -9.27 25.54
CA TYR B 383 -21.34 -9.07 26.97
C TYR B 383 -20.05 -9.73 27.45
N ALA B 384 -19.60 -10.75 26.72
CA ALA B 384 -18.38 -11.47 27.07
C ALA B 384 -17.13 -10.73 26.60
N ALA B 385 -17.31 -9.77 25.69
CA ALA B 385 -16.21 -8.99 25.15
C ALA B 385 -15.67 -8.01 26.18
N ALA B 386 -16.55 -7.56 27.08
CA ALA B 386 -16.18 -6.62 28.12
C ALA B 386 -15.67 -7.35 29.36
N ASP B 387 -16.03 -8.63 29.50
CA ASP B 387 -15.76 -9.40 30.72
C ASP B 387 -14.34 -9.33 31.25
N GLY B 388 -14.07 -8.36 32.12
CA GLY B 388 -12.74 -8.23 32.68
C GLY B 388 -11.81 -7.61 31.67
N ALA B 389 -12.30 -6.53 31.05
CA ALA B 389 -11.47 -5.74 30.15
C ALA B 389 -11.18 -4.45 30.90
N ASP B 390 -10.33 -3.60 30.33
CA ASP B 390 -10.07 -2.32 30.95
C ASP B 390 -11.02 -1.30 30.34
N ALA B 391 -11.52 -1.62 29.15
CA ALA B 391 -12.43 -0.74 28.42
C ALA B 391 -13.17 -1.51 27.34
N LEU B 392 -14.31 -0.96 26.91
CA LEU B 392 -15.06 -1.52 25.81
C LEU B 392 -15.27 -0.47 24.73
N VAL B 393 -14.99 -0.85 23.48
CA VAL B 393 -15.18 0.05 22.34
C VAL B 393 -16.31 -0.47 21.46
N ILE B 394 -17.24 0.41 21.11
CA ILE B 394 -18.24 0.09 20.10
C ILE B 394 -17.72 0.66 18.78
N VAL B 395 -17.70 -0.18 17.74
CA VAL B 395 -17.17 0.25 16.45
C VAL B 395 -18.24 0.23 15.37
N THR B 396 -18.96 -0.90 15.27
CA THR B 396 -19.97 -1.08 14.23
C THR B 396 -21.34 -1.27 14.84
N GLU B 397 -22.30 -0.46 14.39
CA GLU B 397 -23.64 -0.45 14.98
C GLU B 397 -24.55 -1.55 14.49
N TRP B 398 -24.21 -2.80 14.80
CA TRP B 398 -25.19 -3.87 14.70
C TRP B 398 -26.29 -3.47 15.68
N ASP B 399 -27.52 -3.41 15.19
CA ASP B 399 -28.63 -2.89 15.99
C ASP B 399 -28.92 -3.68 17.27
N ALA B 400 -28.33 -4.86 17.41
CA ALA B 400 -28.48 -5.64 18.63
C ALA B 400 -27.80 -4.93 19.79
N PHE B 401 -26.76 -4.16 19.47
CA PHE B 401 -26.02 -3.37 20.46
C PHE B 401 -26.88 -2.22 20.99
N ARG B 402 -27.76 -1.70 20.15
CA ARG B 402 -28.56 -0.51 20.49
C ARG B 402 -29.45 -0.73 21.71
N ALA B 403 -29.81 -1.98 21.97
CA ALA B 403 -30.58 -2.32 23.17
C ALA B 403 -29.85 -3.38 23.99
N LEU B 404 -28.93 -2.91 24.83
CA LEU B 404 -28.17 -3.81 25.70
C LEU B 404 -28.22 -3.32 27.15
N ASP B 405 -27.90 -4.22 28.08
CA ASP B 405 -27.83 -3.87 29.48
C ASP B 405 -26.48 -3.21 29.79
N LEU B 406 -26.52 -1.93 30.11
CA LEU B 406 -25.31 -1.18 30.43
C LEU B 406 -24.79 -1.57 31.81
N THR B 407 -25.70 -1.98 32.68
CA THR B 407 -25.40 -2.19 34.09
C THR B 407 -24.64 -3.50 34.36
N ARG B 408 -24.71 -4.45 33.44
CA ARG B 408 -23.91 -5.67 33.53
C ARG B 408 -22.46 -5.30 33.32
N ILE B 409 -22.23 -4.39 32.39
CA ILE B 409 -20.90 -4.03 31.91
C ILE B 409 -20.04 -3.32 32.95
N LYS B 410 -20.66 -2.43 33.73
CA LYS B 410 -19.94 -1.77 34.82
C LYS B 410 -19.42 -2.81 35.80
N ASN B 411 -20.17 -3.89 35.95
CA ASN B 411 -19.79 -5.01 36.81
C ASN B 411 -18.90 -6.01 36.08
N SER B 412 -18.76 -5.82 34.77
CA SER B 412 -18.00 -6.71 33.92
C SER B 412 -16.62 -6.15 33.60
N LEU B 413 -16.33 -4.96 34.12
CA LEU B 413 -15.12 -4.24 33.75
C LEU B 413 -14.13 -4.02 34.89
N LYS B 414 -12.84 -4.08 34.54
CA LYS B 414 -11.77 -3.77 35.46
C LYS B 414 -11.63 -2.25 35.59
N SER B 415 -12.15 -1.55 34.58
CA SER B 415 -12.22 -0.09 34.59
C SER B 415 -13.44 0.35 33.80
N PRO B 416 -14.27 1.22 34.40
CA PRO B 416 -15.60 1.59 33.87
C PRO B 416 -15.50 2.51 32.65
N VAL B 417 -14.81 2.06 31.61
CA VAL B 417 -14.50 2.92 30.47
C VAL B 417 -15.15 2.43 29.18
N LEU B 418 -16.05 3.24 28.61
CA LEU B 418 -16.70 2.89 27.37
C LEU B 418 -16.46 3.94 26.28
N VAL B 419 -16.15 3.48 25.08
CA VAL B 419 -16.00 4.37 23.94
C VAL B 419 -17.02 4.07 22.86
N ASP B 420 -18.12 4.82 22.85
CA ASP B 420 -19.05 4.77 21.73
C ASP B 420 -18.34 5.46 20.58
N LEU B 421 -18.47 4.91 19.37
CA LEU B 421 -17.84 5.54 18.21
C LEU B 421 -18.85 5.77 17.09
N ARG B 422 -20.06 5.30 17.30
CA ARG B 422 -21.15 5.55 16.37
C ARG B 422 -22.28 6.29 17.09
N ASN B 423 -21.93 6.84 18.26
CA ASN B 423 -22.81 7.75 19.02
C ASN B 423 -24.24 7.25 19.29
N ILE B 424 -24.40 5.95 19.45
CA ILE B 424 -25.73 5.37 19.67
C ILE B 424 -26.29 5.64 21.07
N TYR B 425 -25.51 5.29 22.10
CA TYR B 425 -25.97 5.42 23.48
C TYR B 425 -26.01 6.88 23.96
N PRO B 426 -27.19 7.34 24.36
CA PRO B 426 -27.30 8.67 25.02
C PRO B 426 -26.53 8.66 26.33
N PRO B 427 -25.69 9.69 26.56
CA PRO B 427 -24.72 9.74 27.65
C PRO B 427 -25.36 9.69 29.04
N ALA B 428 -26.64 10.04 29.12
CA ALA B 428 -27.36 10.02 30.40
C ALA B 428 -27.39 8.60 30.97
N GLU B 429 -27.55 7.62 30.09
CA GLU B 429 -27.50 6.22 30.47
C GLU B 429 -26.14 5.84 31.04
N LEU B 430 -25.08 6.31 30.38
CA LEU B 430 -23.73 6.05 30.86
C LEU B 430 -23.44 6.85 32.12
N GLU B 431 -24.11 7.98 32.29
CA GLU B 431 -24.03 8.73 33.53
C GLU B 431 -24.78 7.97 34.61
N ARG B 432 -25.91 7.37 34.22
CA ARG B 432 -26.74 6.62 35.14
C ARG B 432 -25.99 5.39 35.66
N ALA B 433 -25.34 4.67 34.75
CA ALA B 433 -24.55 3.51 35.14
C ALA B 433 -23.12 3.93 35.53
N GLY B 434 -22.96 5.22 35.81
CA GLY B 434 -21.68 5.76 36.24
C GLY B 434 -20.48 5.54 35.33
N LEU B 435 -20.74 5.31 34.05
CA LEU B 435 -19.67 4.99 33.10
C LEU B 435 -18.91 6.20 32.56
N GLN B 436 -17.67 5.96 32.14
CA GLN B 436 -16.87 6.97 31.48
C GLN B 436 -17.31 7.15 30.03
N TYR B 437 -18.18 8.13 29.80
CA TYR B 437 -18.70 8.41 28.46
C TYR B 437 -17.65 9.01 27.55
N THR B 438 -17.57 8.48 26.33
CA THR B 438 -16.71 9.03 25.28
C THR B 438 -17.30 8.69 23.91
N GLY B 439 -17.95 9.68 23.31
CA GLY B 439 -18.51 9.52 21.98
C GLY B 439 -17.63 10.20 20.95
N VAL B 440 -18.21 10.57 19.82
CA VAL B 440 -17.49 11.28 18.78
C VAL B 440 -18.06 12.68 18.61
N GLY B 441 -17.31 13.69 19.06
CA GLY B 441 -17.79 15.05 19.06
C GLY B 441 -18.65 15.32 20.29
N LYS B 442 -18.01 15.36 21.46
CA LYS B 442 -18.73 15.52 22.71
C LYS B 442 -18.06 16.49 23.69
N PRO B 443 -18.88 17.27 24.42
CA PRO B 443 -18.40 18.17 25.46
C PRO B 443 -17.86 17.39 26.66
#